data_5T2P
#
_entry.id   5T2P
#
_cell.length_a   63.927
_cell.length_b   68.048
_cell.length_c   85.703
_cell.angle_alpha   68.490
_cell.angle_beta   69.990
_cell.angle_gamma   83.490
#
_symmetry.space_group_name_H-M   'P 1'
#
loop_
_entity.id
_entity.type
_entity.pdbx_description
1 polymer 'Core protein'
2 non-polymer 4-fluoranyl-3-(4-oxidanylpiperidin-1-yl)sulfonyl-~{N}-[3,4,5-tris(fluoranyl)phenyl]benzamide
3 non-polymer 'ISOPROPYL ALCOHOL'
4 non-polymer 'DIMETHYL SULFOXIDE'
5 non-polymer GLYCEROL
6 non-polymer 'CHLORIDE ION'
7 water water
#
_entity_poly.entity_id   1
_entity_poly.type   'polypeptide(L)'
_entity_poly.pdbx_seq_one_letter_code
;MDIDPYKEFGATVELLSFLPSDFFPSVRDLLDTAAALYRDALESPEHCSPHHTALRQAILCWGDLMTLATWVGTNLEDPA
SRDLVVSYVNTNVGLKFRQLLWFHISCLTFGRETVLEYLVSFGVWIRTPPAARPPNAPILSTLPETTVVENLYFQ
;
_entity_poly.pdbx_strand_id   A,B,C,D,E,F
#
# COMPACT_ATOMS: atom_id res chain seq x y z
N MET A 1 -10.42 -5.59 6.07
CA MET A 1 -9.27 -6.32 6.60
C MET A 1 -8.55 -7.04 5.48
N ASP A 2 -7.26 -7.22 5.67
CA ASP A 2 -6.44 -7.92 4.67
C ASP A 2 -5.82 -9.09 5.40
N ILE A 3 -6.51 -10.24 5.43
CA ILE A 3 -6.00 -11.42 6.13
C ILE A 3 -5.39 -12.37 5.12
N ASP A 4 -4.17 -12.78 5.37
CA ASP A 4 -3.48 -13.81 4.61
C ASP A 4 -3.55 -15.09 5.41
N PRO A 5 -4.23 -16.13 4.93
CA PRO A 5 -4.42 -17.34 5.77
C PRO A 5 -3.14 -18.06 6.11
N TYR A 6 -2.05 -17.80 5.38
CA TYR A 6 -0.78 -18.46 5.64
C TYR A 6 0.08 -17.71 6.65
N LYS A 7 -0.25 -16.45 6.96
CA LYS A 7 0.66 -15.61 7.72
C LYS A 7 0.90 -16.16 9.13
N GLU A 8 -0.15 -16.61 9.81
CA GLU A 8 0.07 -17.18 11.14
C GLU A 8 0.81 -18.50 11.08
N PHE A 9 0.97 -19.10 9.90
CA PHE A 9 1.70 -20.35 9.74
C PHE A 9 3.08 -20.14 9.14
N GLY A 10 3.56 -18.90 9.10
CA GLY A 10 4.90 -18.64 8.59
C GLY A 10 5.07 -18.67 7.09
N ALA A 11 4.00 -18.44 6.32
CA ALA A 11 4.11 -18.38 4.87
C ALA A 11 3.21 -17.25 4.37
N THR A 12 3.03 -17.17 3.06
CA THR A 12 2.22 -16.13 2.46
C THR A 12 1.54 -16.71 1.24
N VAL A 13 0.47 -16.03 0.80
CA VAL A 13 -0.19 -16.38 -0.46
C VAL A 13 0.80 -16.34 -1.61
N GLU A 14 1.63 -15.29 -1.67
CA GLU A 14 2.58 -15.17 -2.77
C GLU A 14 3.53 -16.35 -2.82
N LEU A 15 3.98 -16.85 -1.67
CA LEU A 15 4.88 -18.00 -1.67
C LEU A 15 4.17 -19.27 -2.17
N LEU A 16 2.93 -19.53 -1.73
CA LEU A 16 2.23 -20.71 -2.23
C LEU A 16 2.01 -20.63 -3.74
N SER A 17 1.83 -19.43 -4.27
N SER A 17 1.83 -19.44 -4.28
CA SER A 17 1.67 -19.21 -5.70
CA SER A 17 1.64 -19.30 -5.72
C SER A 17 2.91 -19.57 -6.51
C SER A 17 2.91 -19.58 -6.51
N PHE A 18 4.07 -19.73 -5.86
CA PHE A 18 5.28 -20.10 -6.58
C PHE A 18 5.19 -21.52 -7.09
N LEU A 19 4.33 -22.38 -6.47
CA LEU A 19 4.17 -23.71 -7.04
C LEU A 19 3.22 -23.66 -8.22
N PRO A 20 3.50 -24.35 -9.32
CA PRO A 20 2.60 -24.32 -10.47
C PRO A 20 1.30 -25.02 -10.14
N SER A 21 0.25 -24.68 -10.88
N SER A 21 0.25 -24.66 -10.90
CA SER A 21 -1.08 -25.24 -10.58
CA SER A 21 -1.08 -25.21 -10.63
C SER A 21 -1.08 -26.75 -10.71
C SER A 21 -1.12 -26.72 -10.76
N ASP A 22 -0.35 -27.30 -11.68
CA ASP A 22 -0.39 -28.75 -11.84
C ASP A 22 0.52 -29.50 -10.86
N PHE A 23 1.18 -28.80 -9.94
CA PHE A 23 1.87 -29.48 -8.84
C PHE A 23 0.90 -30.11 -7.86
N PHE A 24 -0.22 -29.42 -7.57
CA PHE A 24 -1.05 -29.84 -6.44
C PHE A 24 -1.91 -31.05 -6.79
N PRO A 25 -2.15 -31.93 -5.82
CA PRO A 25 -3.19 -32.94 -6.03
C PRO A 25 -4.54 -32.29 -6.27
N SER A 26 -5.48 -33.08 -6.80
CA SER A 26 -6.87 -32.60 -6.89
C SER A 26 -7.45 -32.42 -5.49
N VAL A 27 -8.50 -31.59 -5.39
CA VAL A 27 -9.16 -31.39 -4.10
C VAL A 27 -9.68 -32.73 -3.57
N ARG A 28 -10.25 -33.55 -4.44
CA ARG A 28 -10.76 -34.84 -3.99
C ARG A 28 -9.66 -35.66 -3.35
N ASP A 29 -8.49 -35.68 -3.98
CA ASP A 29 -7.38 -36.45 -3.42
C ASP A 29 -6.85 -35.83 -2.14
N LEU A 30 -6.89 -34.49 -2.03
CA LEU A 30 -6.49 -33.87 -0.77
C LEU A 30 -7.48 -34.22 0.34
N LEU A 31 -8.77 -34.17 0.04
CA LEU A 31 -9.78 -34.47 1.06
C LEU A 31 -9.72 -35.94 1.46
N ASP A 32 -9.41 -36.83 0.51
CA ASP A 32 -9.30 -38.23 0.90
C ASP A 32 -8.06 -38.45 1.75
N THR A 33 -6.98 -37.69 1.50
CA THR A 33 -5.78 -37.80 2.31
C THR A 33 -5.99 -37.23 3.71
N ALA A 34 -6.66 -36.08 3.80
CA ALA A 34 -6.99 -35.59 5.14
C ALA A 34 -7.78 -36.63 5.93
N ALA A 35 -8.76 -37.27 5.29
CA ALA A 35 -9.54 -38.30 5.98
C ALA A 35 -8.67 -39.51 6.35
N ALA A 36 -7.88 -40.04 5.41
CA ALA A 36 -7.13 -41.27 5.69
C ALA A 36 -6.12 -41.05 6.81
N LEU A 37 -5.50 -39.88 6.84
CA LEU A 37 -4.44 -39.62 7.80
C LEU A 37 -4.95 -38.98 9.08
N TYR A 38 -6.02 -38.18 9.02
CA TYR A 38 -6.36 -37.33 10.15
C TYR A 38 -7.84 -37.33 10.54
N ARG A 39 -8.65 -38.24 10.03
CA ARG A 39 -10.10 -38.16 10.24
C ARG A 39 -10.44 -38.14 11.74
N ASP A 40 -9.83 -39.04 12.51
CA ASP A 40 -10.17 -39.12 13.94
C ASP A 40 -9.81 -37.81 14.65
N ALA A 41 -8.62 -37.27 14.37
CA ALA A 41 -8.20 -36.01 15.00
C ALA A 41 -9.10 -34.86 14.55
N LEU A 42 -9.41 -34.79 13.26
CA LEU A 42 -10.23 -33.69 12.73
C LEU A 42 -11.63 -33.68 13.33
N GLU A 43 -12.16 -34.87 13.62
CA GLU A 43 -13.49 -35.05 14.16
C GLU A 43 -13.52 -35.00 15.68
N SER A 44 -12.40 -34.80 16.34
CA SER A 44 -12.34 -34.92 17.80
C SER A 44 -12.72 -33.60 18.46
N PRO A 45 -13.09 -33.63 19.74
CA PRO A 45 -13.37 -32.39 20.47
C PRO A 45 -12.12 -31.65 20.96
N GLU A 46 -10.95 -32.01 20.46
CA GLU A 46 -9.67 -31.38 20.80
C GLU A 46 -9.22 -30.46 19.66
N HIS A 47 -8.62 -29.32 20.02
CA HIS A 47 -8.02 -28.45 19.00
C HIS A 47 -6.98 -29.20 18.19
N CYS A 48 -6.12 -29.97 18.88
CA CYS A 48 -5.00 -30.73 18.33
C CYS A 48 -3.85 -29.83 17.91
N SER A 49 -4.08 -28.94 16.95
CA SER A 49 -3.05 -27.99 16.53
C SER A 49 -3.72 -26.91 15.69
N PRO A 50 -3.07 -25.74 15.53
CA PRO A 50 -3.63 -24.71 14.65
C PRO A 50 -3.84 -25.18 13.22
N HIS A 51 -3.01 -26.10 12.73
CA HIS A 51 -3.23 -26.68 11.42
C HIS A 51 -4.54 -27.45 11.38
N HIS A 52 -4.85 -28.19 12.44
CA HIS A 52 -6.11 -28.91 12.50
C HIS A 52 -7.28 -27.93 12.51
N THR A 53 -7.17 -26.85 13.31
CA THR A 53 -8.25 -25.86 13.35
C THR A 53 -8.46 -25.25 11.97
N ALA A 54 -7.38 -24.85 11.29
CA ALA A 54 -7.55 -24.29 9.95
C ALA A 54 -8.08 -25.32 8.99
N LEU A 55 -7.53 -26.55 9.04
CA LEU A 55 -7.93 -27.58 8.09
C LEU A 55 -9.41 -27.91 8.24
N ARG A 56 -9.93 -27.98 9.49
CA ARG A 56 -11.36 -28.17 9.67
C ARG A 56 -12.17 -27.14 8.92
N GLN A 57 -11.82 -25.85 9.08
CA GLN A 57 -12.63 -24.81 8.43
C GLN A 57 -12.52 -24.92 6.92
N ALA A 58 -11.30 -25.17 6.41
CA ALA A 58 -11.11 -25.24 4.96
C ALA A 58 -11.93 -26.38 4.37
N ILE A 59 -11.92 -27.54 5.01
CA ILE A 59 -12.74 -28.67 4.56
C ILE A 59 -14.20 -28.28 4.51
N LEU A 60 -14.70 -27.63 5.58
CA LEU A 60 -16.10 -27.24 5.58
C LEU A 60 -16.38 -26.15 4.55
N CYS A 61 -15.48 -25.17 4.41
N CYS A 61 -15.47 -25.19 4.39
CA CYS A 61 -15.67 -24.13 3.42
CA CYS A 61 -15.70 -24.14 3.42
C CYS A 61 -15.74 -24.72 2.01
C CYS A 61 -15.72 -24.68 1.99
N TRP A 62 -14.84 -25.65 1.67
CA TRP A 62 -14.90 -26.25 0.35
C TRP A 62 -16.26 -26.89 0.09
N GLY A 63 -16.80 -27.58 1.10
CA GLY A 63 -18.14 -28.12 0.96
C GLY A 63 -19.17 -27.08 0.59
N ASP A 64 -19.12 -25.91 1.25
CA ASP A 64 -20.03 -24.81 0.90
C ASP A 64 -19.80 -24.33 -0.52
N LEU A 65 -18.53 -24.15 -0.90
CA LEU A 65 -18.23 -23.70 -2.25
C LEU A 65 -18.72 -24.71 -3.29
N MET A 66 -18.57 -26.00 -2.99
CA MET A 66 -19.04 -27.03 -3.93
C MET A 66 -20.54 -27.10 -4.03
N THR A 67 -21.25 -26.89 -2.93
CA THR A 67 -22.71 -26.82 -2.99
C THR A 67 -23.16 -25.66 -3.87
N LEU A 68 -22.41 -24.55 -3.84
CA LEU A 68 -22.73 -23.41 -4.69
C LEU A 68 -22.35 -23.66 -6.14
N ALA A 69 -21.12 -24.12 -6.40
CA ALA A 69 -20.69 -24.39 -7.76
C ALA A 69 -21.56 -25.46 -8.43
N THR A 70 -21.99 -26.44 -7.66
CA THR A 70 -22.89 -27.47 -8.19
C THR A 70 -24.25 -26.88 -8.56
N TRP A 71 -24.82 -26.08 -7.67
CA TRP A 71 -26.10 -25.45 -7.97
C TRP A 71 -26.01 -24.61 -9.24
N VAL A 72 -24.92 -23.87 -9.41
CA VAL A 72 -24.75 -23.07 -10.63
C VAL A 72 -24.61 -23.97 -11.85
N GLY A 73 -23.74 -24.98 -11.77
CA GLY A 73 -23.50 -25.83 -12.92
C GLY A 73 -24.74 -26.57 -13.39
N THR A 74 -25.55 -27.06 -12.45
CA THR A 74 -26.72 -27.83 -12.84
C THR A 74 -27.80 -26.95 -13.45
N ASN A 75 -27.95 -25.72 -12.97
CA ASN A 75 -28.99 -24.84 -13.46
C ASN A 75 -28.59 -24.04 -14.70
N LEU A 76 -27.38 -24.23 -15.22
CA LEU A 76 -27.04 -23.68 -16.52
C LEU A 76 -27.57 -24.57 -17.63
N GLU A 77 -28.01 -23.93 -18.73
CA GLU A 77 -28.58 -24.65 -19.87
C GLU A 77 -27.60 -24.93 -20.99
N ASP A 78 -26.43 -24.30 -20.98
CA ASP A 78 -25.49 -24.29 -22.09
C ASP A 78 -24.20 -24.96 -21.64
N PRO A 79 -23.68 -25.95 -22.38
CA PRO A 79 -22.45 -26.61 -21.91
C PRO A 79 -21.26 -25.68 -21.90
N ALA A 80 -21.23 -24.70 -22.81
CA ALA A 80 -20.14 -23.72 -22.81
C ALA A 80 -20.20 -22.80 -21.60
N SER A 81 -21.40 -22.52 -21.08
CA SER A 81 -21.49 -21.74 -19.85
C SER A 81 -21.03 -22.55 -18.64
N ARG A 82 -21.39 -23.84 -18.59
CA ARG A 82 -20.94 -24.70 -17.51
C ARG A 82 -19.43 -24.84 -17.50
N ASP A 83 -18.82 -24.96 -18.69
CA ASP A 83 -17.37 -25.09 -18.75
C ASP A 83 -16.70 -23.76 -18.38
N LEU A 84 -17.35 -22.63 -18.66
CA LEU A 84 -16.85 -21.35 -18.19
C LEU A 84 -16.76 -21.33 -16.67
N VAL A 85 -17.74 -21.92 -15.99
CA VAL A 85 -17.77 -21.89 -14.53
C VAL A 85 -16.72 -22.82 -13.95
N VAL A 86 -16.60 -24.03 -14.52
CA VAL A 86 -15.56 -24.96 -14.10
C VAL A 86 -14.18 -24.33 -14.32
N SER A 87 -13.97 -23.76 -15.50
CA SER A 87 -12.70 -23.10 -15.77
C SER A 87 -12.45 -21.96 -14.79
N TYR A 88 -13.49 -21.19 -14.46
CA TYR A 88 -13.31 -20.12 -13.49
C TYR A 88 -12.97 -20.67 -12.11
N VAL A 89 -13.67 -21.70 -11.68
CA VAL A 89 -13.36 -22.32 -10.39
C VAL A 89 -11.95 -22.89 -10.39
N ASN A 90 -11.59 -23.64 -11.44
CA ASN A 90 -10.28 -24.29 -11.46
C ASN A 90 -9.15 -23.29 -11.39
N THR A 91 -9.31 -22.16 -12.06
CA THR A 91 -8.29 -21.14 -12.10
C THR A 91 -8.21 -20.34 -10.81
N ASN A 92 -9.35 -20.15 -10.11
CA ASN A 92 -9.43 -19.23 -9.00
C ASN A 92 -9.63 -19.99 -7.69
N VAL A 93 -10.87 -20.15 -7.21
CA VAL A 93 -11.01 -20.62 -5.83
C VAL A 93 -10.68 -22.10 -5.71
N GLY A 94 -10.81 -22.87 -6.80
CA GLY A 94 -10.37 -24.25 -6.78
C GLY A 94 -8.88 -24.35 -6.54
N LEU A 95 -8.09 -23.52 -7.22
CA LEU A 95 -6.66 -23.53 -7.00
C LEU A 95 -6.32 -23.05 -5.60
N LYS A 96 -7.03 -22.02 -5.10
N LYS A 96 -7.04 -22.04 -5.10
CA LYS A 96 -6.74 -21.52 -3.76
CA LYS A 96 -6.74 -21.51 -3.77
C LYS A 96 -6.87 -22.61 -2.72
C LYS A 96 -6.89 -22.60 -2.70
N PHE A 97 -7.91 -23.44 -2.82
CA PHE A 97 -8.11 -24.48 -1.83
C PHE A 97 -7.18 -25.68 -2.03
N ARG A 98 -6.79 -25.97 -3.28
CA ARG A 98 -5.76 -26.98 -3.46
C ARG A 98 -4.48 -26.56 -2.76
N GLN A 99 -4.12 -25.27 -2.91
CA GLN A 99 -2.94 -24.73 -2.23
C GLN A 99 -3.09 -24.87 -0.72
N LEU A 100 -4.24 -24.46 -0.22
CA LEU A 100 -4.45 -24.37 1.22
C LEU A 100 -4.56 -25.74 1.86
N LEU A 101 -5.33 -26.64 1.24
CA LEU A 101 -5.42 -28.00 1.79
C LEU A 101 -4.06 -28.70 1.72
N TRP A 102 -3.34 -28.53 0.62
CA TRP A 102 -2.02 -29.15 0.51
C TRP A 102 -1.10 -28.62 1.59
N PHE A 103 -1.12 -27.29 1.80
CA PHE A 103 -0.23 -26.71 2.80
C PHE A 103 -0.46 -27.31 4.18
N HIS A 104 -1.70 -27.34 4.64
CA HIS A 104 -1.94 -27.81 6.00
C HIS A 104 -1.70 -29.32 6.10
N ILE A 105 -2.18 -30.10 5.14
CA ILE A 105 -1.94 -31.55 5.18
C ILE A 105 -0.45 -31.85 5.15
N SER A 106 0.32 -31.14 4.31
CA SER A 106 1.73 -31.47 4.20
C SER A 106 2.50 -31.01 5.43
N CYS A 107 2.16 -29.84 5.98
CA CYS A 107 2.77 -29.40 7.23
C CYS A 107 2.51 -30.41 8.35
N LEU A 108 1.28 -30.93 8.45
CA LEU A 108 0.99 -31.95 9.45
C LEU A 108 1.74 -33.26 9.20
N THR A 109 1.96 -33.61 7.93
CA THR A 109 2.48 -34.91 7.54
C THR A 109 3.99 -34.94 7.46
N PHE A 110 4.60 -33.85 6.94
CA PHE A 110 6.01 -33.81 6.65
C PHE A 110 6.77 -32.78 7.49
N GLY A 111 6.06 -31.91 8.21
CA GLY A 111 6.70 -30.85 8.98
C GLY A 111 6.78 -29.55 8.20
N ARG A 112 6.66 -28.43 8.94
CA ARG A 112 6.52 -27.14 8.28
C ARG A 112 7.79 -26.71 7.57
N GLU A 113 8.93 -26.75 8.27
CA GLU A 113 10.16 -26.27 7.64
C GLU A 113 10.56 -27.13 6.46
N THR A 114 10.30 -28.44 6.53
CA THR A 114 10.48 -29.32 5.39
C THR A 114 9.61 -28.90 4.22
N VAL A 115 8.34 -28.54 4.49
CA VAL A 115 7.44 -28.14 3.41
C VAL A 115 7.92 -26.86 2.73
N LEU A 116 8.34 -25.87 3.51
CA LEU A 116 8.71 -24.58 2.92
C LEU A 116 10.00 -24.67 2.12
N GLU A 117 10.97 -25.43 2.61
CA GLU A 117 12.21 -25.65 1.86
C GLU A 117 11.92 -26.39 0.56
N TYR A 118 11.05 -27.40 0.61
CA TYR A 118 10.70 -28.17 -0.57
C TYR A 118 9.95 -27.32 -1.59
N LEU A 119 9.03 -26.47 -1.12
CA LEU A 119 8.29 -25.60 -2.02
C LEU A 119 9.23 -24.77 -2.88
N VAL A 120 10.22 -24.15 -2.26
CA VAL A 120 11.13 -23.30 -3.01
C VAL A 120 12.00 -24.14 -3.94
N SER A 121 12.45 -25.31 -3.46
CA SER A 121 13.26 -26.20 -4.30
C SER A 121 12.48 -26.65 -5.53
N PHE A 122 11.23 -27.08 -5.33
CA PHE A 122 10.42 -27.52 -6.45
C PHE A 122 10.16 -26.37 -7.42
N GLY A 123 9.82 -25.20 -6.90
CA GLY A 123 9.48 -24.09 -7.77
C GLY A 123 10.62 -23.71 -8.69
N VAL A 124 11.85 -23.78 -8.20
CA VAL A 124 13.02 -23.52 -9.03
C VAL A 124 13.25 -24.66 -9.99
N TRP A 125 13.15 -25.91 -9.52
CA TRP A 125 13.40 -27.06 -10.38
C TRP A 125 12.45 -27.05 -11.58
N ILE A 126 11.16 -26.81 -11.34
CA ILE A 126 10.17 -26.92 -12.42
C ILE A 126 10.33 -25.80 -13.44
N ARG A 127 10.88 -24.66 -13.04
CA ARG A 127 11.13 -23.56 -13.94
C ARG A 127 12.43 -23.71 -14.71
N THR A 128 13.24 -24.68 -14.35
CA THR A 128 14.46 -24.96 -15.10
C THR A 128 14.09 -25.71 -16.37
N PRO A 129 14.48 -25.20 -17.55
CA PRO A 129 14.05 -25.85 -18.79
C PRO A 129 14.52 -27.28 -18.84
N PRO A 130 13.80 -28.15 -19.55
CA PRO A 130 14.13 -29.58 -19.52
C PRO A 130 15.53 -29.86 -20.04
N ALA A 131 16.07 -29.01 -20.92
CA ALA A 131 17.45 -29.20 -21.37
C ALA A 131 18.43 -29.32 -20.20
N ALA A 132 18.17 -28.63 -19.09
CA ALA A 132 19.08 -28.59 -17.94
C ALA A 132 18.50 -29.23 -16.70
N ARG A 133 17.22 -29.54 -16.69
CA ARG A 133 16.57 -29.99 -15.47
C ARG A 133 16.95 -31.45 -15.21
N PRO A 134 17.47 -31.75 -14.02
CA PRO A 134 17.69 -33.16 -13.68
C PRO A 134 16.39 -33.92 -13.71
N PRO A 135 16.44 -35.22 -14.01
CA PRO A 135 15.20 -35.94 -14.28
C PRO A 135 14.30 -36.06 -13.07
N ASN A 136 14.86 -36.15 -11.86
CA ASN A 136 14.07 -36.36 -10.66
C ASN A 136 13.86 -35.06 -9.88
N ALA A 137 12.63 -34.83 -9.45
CA ALA A 137 12.31 -33.64 -8.69
C ALA A 137 13.05 -33.67 -7.35
N PRO A 138 13.16 -32.52 -6.68
CA PRO A 138 13.76 -32.52 -5.34
C PRO A 138 12.99 -33.41 -4.38
N ILE A 139 13.70 -33.88 -3.36
CA ILE A 139 13.15 -34.83 -2.41
C ILE A 139 12.50 -34.08 -1.25
N LEU A 140 11.37 -34.61 -0.78
CA LEU A 140 10.60 -34.05 0.33
C LEU A 140 10.70 -34.99 1.51
N SER A 141 11.50 -34.62 2.51
CA SER A 141 11.65 -35.48 3.68
C SER A 141 12.13 -34.73 4.92
N VAL A 149 29.94 -41.17 15.00
CA VAL A 149 30.03 -41.93 16.24
C VAL A 149 31.47 -42.33 16.56
N GLU A 150 31.96 -41.87 17.70
CA GLU A 150 33.35 -42.03 18.12
C GLU A 150 33.57 -43.42 18.72
N ASN A 151 34.85 -43.83 18.77
CA ASN A 151 35.23 -45.08 19.42
C ASN A 151 34.74 -45.11 20.87
N LEU A 152 34.79 -43.96 21.56
CA LEU A 152 34.36 -43.88 22.96
C LEU A 152 32.96 -44.42 23.16
N TYR A 153 32.10 -44.27 22.14
CA TYR A 153 30.71 -44.69 22.28
C TYR A 153 30.58 -46.18 22.60
N PHE A 154 31.51 -47.00 22.11
CA PHE A 154 31.43 -48.45 22.27
C PHE A 154 32.29 -48.99 23.41
N GLN A 155 32.95 -48.12 24.17
CA GLN A 155 33.91 -48.61 25.17
C GLN A 155 33.31 -48.68 26.57
N MET B 1 -16.16 -37.44 5.93
CA MET B 1 -15.94 -36.95 7.29
C MET B 1 -17.11 -36.11 7.77
N ASP B 2 -17.34 -36.12 9.08
CA ASP B 2 -18.40 -35.33 9.70
C ASP B 2 -17.75 -34.41 10.71
N ILE B 3 -17.42 -33.20 10.28
CA ILE B 3 -16.76 -32.23 11.16
C ILE B 3 -17.80 -31.19 11.60
N ASP B 4 -17.90 -31.00 12.90
CA ASP B 4 -18.71 -29.93 13.50
C ASP B 4 -17.75 -28.82 13.89
N PRO B 5 -17.84 -27.64 13.28
CA PRO B 5 -16.83 -26.61 13.56
C PRO B 5 -16.84 -26.12 14.99
N TYR B 6 -17.90 -26.38 15.73
CA TYR B 6 -17.95 -25.94 17.13
C TYR B 6 -17.37 -26.97 18.09
N LYS B 7 -17.11 -28.19 17.64
CA LYS B 7 -16.82 -29.27 18.59
C LYS B 7 -15.51 -29.01 19.35
N GLU B 8 -14.46 -28.55 18.67
CA GLU B 8 -13.22 -28.25 19.39
C GLU B 8 -13.36 -27.06 20.32
N PHE B 9 -14.46 -26.32 20.23
CA PHE B 9 -14.69 -25.17 21.10
C PHE B 9 -15.74 -25.46 22.17
N GLY B 10 -16.07 -26.72 22.39
CA GLY B 10 -17.01 -27.04 23.47
C GLY B 10 -18.45 -26.75 23.16
N ALA B 11 -18.84 -26.72 21.88
CA ALA B 11 -20.22 -26.50 21.51
C ALA B 11 -20.55 -27.40 20.32
N THR B 12 -21.72 -27.19 19.73
CA THR B 12 -22.16 -28.00 18.60
C THR B 12 -23.02 -27.10 17.72
N VAL B 13 -23.19 -27.52 16.46
CA VAL B 13 -24.13 -26.82 15.58
C VAL B 13 -25.52 -26.79 16.19
N GLU B 14 -25.98 -27.91 16.75
CA GLU B 14 -27.32 -27.92 17.31
C GLU B 14 -27.48 -26.93 18.48
N LEU B 15 -26.44 -26.75 19.30
CA LEU B 15 -26.55 -25.78 20.38
C LEU B 15 -26.65 -24.35 19.83
N LEU B 16 -25.83 -24.01 18.82
CA LEU B 16 -25.96 -22.67 18.24
C LEU B 16 -27.34 -22.46 17.63
N SER B 17 -27.97 -23.51 17.13
N SER B 17 -27.96 -23.54 17.15
CA SER B 17 -29.30 -23.36 16.55
CA SER B 17 -29.29 -23.54 16.58
C SER B 17 -30.39 -23.23 17.62
C SER B 17 -30.36 -23.18 17.61
N PHE B 18 -30.02 -23.29 18.90
CA PHE B 18 -30.97 -22.95 19.96
C PHE B 18 -31.28 -21.46 19.95
N LEU B 19 -30.39 -20.65 19.40
CA LEU B 19 -30.71 -19.23 19.26
C LEU B 19 -31.57 -19.03 18.01
N PRO B 20 -32.61 -18.19 18.07
CA PRO B 20 -33.43 -17.96 16.88
C PRO B 20 -32.63 -17.24 15.80
N SER B 21 -33.07 -17.40 14.55
CA SER B 21 -32.28 -16.82 13.46
C SER B 21 -32.23 -15.30 13.57
N ASP B 22 -33.29 -14.66 14.08
CA ASP B 22 -33.22 -13.19 14.10
C ASP B 22 -32.47 -12.64 15.30
N PHE B 23 -31.90 -13.50 16.15
CA PHE B 23 -30.96 -13.07 17.18
C PHE B 23 -29.66 -12.55 16.57
N PHE B 24 -29.19 -13.19 15.50
CA PHE B 24 -27.81 -12.94 15.07
C PHE B 24 -27.70 -11.64 14.29
N PRO B 25 -26.63 -10.89 14.49
CA PRO B 25 -26.37 -9.74 13.61
C PRO B 25 -26.20 -10.18 12.17
N SER B 26 -26.29 -9.21 11.26
CA SER B 26 -26.03 -9.49 9.85
C SER B 26 -24.55 -9.81 9.62
N VAL B 27 -24.27 -10.49 8.51
CA VAL B 27 -22.89 -10.80 8.17
C VAL B 27 -22.07 -9.50 8.06
N ARG B 28 -22.63 -8.49 7.41
CA ARG B 28 -21.87 -7.23 7.28
C ARG B 28 -21.53 -6.66 8.65
N ASP B 29 -22.49 -6.68 9.58
CA ASP B 29 -22.23 -6.12 10.90
C ASP B 29 -21.24 -6.97 11.69
N LEU B 30 -21.24 -8.30 11.50
CA LEU B 30 -20.25 -9.14 12.17
C LEU B 30 -18.85 -8.85 11.62
N LEU B 31 -18.72 -8.71 10.30
CA LEU B 31 -17.41 -8.43 9.73
C LEU B 31 -16.91 -7.05 10.15
N ASP B 32 -17.82 -6.08 10.27
CA ASP B 32 -17.41 -4.76 10.74
C ASP B 32 -16.92 -4.82 12.18
N THR B 33 -17.59 -5.62 13.02
CA THR B 33 -17.19 -5.74 14.42
C THR B 33 -15.88 -6.49 14.56
N ALA B 34 -15.70 -7.58 13.81
CA ALA B 34 -14.43 -8.28 13.87
C ALA B 34 -13.27 -7.34 13.56
N ALA B 35 -13.44 -6.47 12.56
CA ALA B 35 -12.39 -5.50 12.23
C ALA B 35 -12.20 -4.49 13.34
N ALA B 36 -13.30 -3.91 13.85
CA ALA B 36 -13.18 -2.87 14.86
C ALA B 36 -12.49 -3.40 16.12
N LEU B 37 -12.77 -4.64 16.50
CA LEU B 37 -12.27 -5.19 17.76
C LEU B 37 -10.96 -5.97 17.61
N TYR B 38 -10.74 -6.62 16.45
CA TYR B 38 -9.66 -7.61 16.35
C TYR B 38 -8.80 -7.49 15.10
N ARG B 39 -8.94 -6.43 14.31
CA ARG B 39 -8.20 -6.34 13.06
C ARG B 39 -6.71 -6.63 13.24
N ASP B 40 -6.09 -6.04 14.27
CA ASP B 40 -4.64 -6.18 14.39
C ASP B 40 -4.24 -7.61 14.69
N ALA B 41 -4.95 -8.25 15.63
CA ALA B 41 -4.66 -9.65 15.94
C ALA B 41 -4.95 -10.55 14.74
N LEU B 42 -6.07 -10.33 14.05
CA LEU B 42 -6.43 -11.19 12.93
C LEU B 42 -5.40 -11.13 11.81
N GLU B 43 -4.82 -9.96 11.61
CA GLU B 43 -3.83 -9.74 10.57
C GLU B 43 -2.39 -10.02 11.02
N SER B 44 -2.18 -10.44 12.27
CA SER B 44 -0.82 -10.59 12.77
C SER B 44 -0.23 -11.94 12.40
N PRO B 45 1.09 -12.09 12.49
CA PRO B 45 1.71 -13.39 12.21
C PRO B 45 1.66 -14.38 13.36
N GLU B 46 0.92 -14.09 14.43
CA GLU B 46 0.77 -14.98 15.57
C GLU B 46 -0.59 -15.69 15.51
N HIS B 47 -0.63 -16.94 15.96
CA HIS B 47 -1.91 -17.65 16.03
C HIS B 47 -2.90 -16.93 16.94
N CYS B 48 -2.41 -16.44 18.10
CA CYS B 48 -3.17 -15.77 19.15
C CYS B 48 -4.05 -16.75 19.91
N SER B 49 -4.97 -17.43 19.23
CA SER B 49 -5.80 -18.42 19.89
C SER B 49 -6.51 -19.24 18.82
N PRO B 50 -7.05 -20.41 19.18
CA PRO B 50 -7.86 -21.16 18.21
C PRO B 50 -9.06 -20.38 17.70
N HIS B 51 -9.65 -19.50 18.52
CA HIS B 51 -10.74 -18.67 18.03
C HIS B 51 -10.28 -17.74 16.91
N HIS B 52 -9.08 -17.16 17.03
CA HIS B 52 -8.56 -16.29 15.97
C HIS B 52 -8.32 -17.08 14.69
N THR B 53 -7.73 -18.27 14.81
CA THR B 53 -7.49 -19.10 13.63
C THR B 53 -8.80 -19.45 12.95
N ALA B 54 -9.82 -19.86 13.72
CA ALA B 54 -11.09 -20.18 13.09
C ALA B 54 -11.74 -18.93 12.48
N LEU B 55 -11.72 -17.82 13.21
CA LEU B 55 -12.35 -16.59 12.73
C LEU B 55 -11.70 -16.09 11.44
N ARG B 56 -10.37 -16.15 11.35
CA ARG B 56 -9.72 -15.82 10.09
C ARG B 56 -10.29 -16.62 8.93
N GLN B 57 -10.40 -17.95 9.10
CA GLN B 57 -10.85 -18.78 7.99
C GLN B 57 -12.29 -18.48 7.62
N ALA B 58 -13.15 -18.26 8.62
CA ALA B 58 -14.56 -17.97 8.36
C ALA B 58 -14.71 -16.67 7.57
N ILE B 59 -13.99 -15.63 7.98
CA ILE B 59 -14.02 -14.37 7.24
C ILE B 59 -13.63 -14.58 5.77
N LEU B 60 -12.53 -15.30 5.54
CA LEU B 60 -12.06 -15.54 4.18
C LEU B 60 -13.03 -16.40 3.39
N CYS B 61 -13.64 -17.40 4.06
N CYS B 61 -13.64 -17.41 4.05
CA CYS B 61 -14.59 -18.28 3.37
CA CYS B 61 -14.61 -18.28 3.37
C CYS B 61 -15.81 -17.51 2.89
C CYS B 61 -15.80 -17.48 2.87
N TRP B 62 -16.37 -16.64 3.73
CA TRP B 62 -17.48 -15.82 3.28
C TRP B 62 -17.07 -14.99 2.08
N GLY B 63 -15.88 -14.41 2.12
CA GLY B 63 -15.35 -13.70 0.97
C GLY B 63 -15.28 -14.56 -0.28
N ASP B 64 -14.82 -15.81 -0.13
CA ASP B 64 -14.76 -16.74 -1.28
C ASP B 64 -16.16 -16.97 -1.85
N LEU B 65 -17.13 -17.25 -0.98
CA LEU B 65 -18.50 -17.46 -1.46
C LEU B 65 -19.04 -16.23 -2.17
N MET B 66 -18.77 -15.05 -1.63
CA MET B 66 -19.28 -13.82 -2.23
C MET B 66 -18.58 -13.53 -3.57
N THR B 67 -17.28 -13.78 -3.65
CA THR B 67 -16.55 -13.54 -4.90
C THR B 67 -17.08 -14.44 -6.02
N LEU B 68 -17.26 -15.73 -5.72
CA LEU B 68 -17.78 -16.65 -6.74
C LEU B 68 -19.21 -16.27 -7.12
N ALA B 69 -20.06 -16.03 -6.12
CA ALA B 69 -21.46 -15.69 -6.41
C ALA B 69 -21.56 -14.38 -7.18
N THR B 70 -20.70 -13.41 -6.86
CA THR B 70 -20.72 -12.15 -7.58
C THR B 70 -20.30 -12.35 -9.03
N TRP B 71 -19.22 -13.11 -9.25
CA TRP B 71 -18.74 -13.38 -10.60
C TRP B 71 -19.79 -14.11 -11.44
N VAL B 72 -20.46 -15.11 -10.86
CA VAL B 72 -21.49 -15.82 -11.62
C VAL B 72 -22.59 -14.84 -12.02
N GLY B 73 -22.99 -13.98 -11.09
CA GLY B 73 -24.01 -12.99 -11.37
C GLY B 73 -23.64 -12.07 -12.51
N THR B 74 -22.35 -11.75 -12.67
CA THR B 74 -21.95 -10.86 -13.75
C THR B 74 -22.18 -11.50 -15.11
N ASN B 75 -22.23 -12.83 -15.18
CA ASN B 75 -22.45 -13.53 -16.43
C ASN B 75 -23.93 -13.72 -16.78
N LEU B 76 -24.86 -13.40 -15.88
CA LEU B 76 -26.27 -13.63 -16.16
C LEU B 76 -26.78 -12.61 -17.18
N GLU B 77 -27.56 -13.09 -18.14
CA GLU B 77 -27.99 -12.24 -19.25
C GLU B 77 -28.96 -11.16 -18.77
N ASP B 78 -29.84 -11.48 -17.83
CA ASP B 78 -30.81 -10.51 -17.34
C ASP B 78 -30.17 -9.64 -16.27
N PRO B 79 -29.94 -8.35 -16.52
CA PRO B 79 -29.32 -7.48 -15.51
C PRO B 79 -30.06 -7.48 -14.18
N ALA B 80 -31.36 -7.73 -14.19
CA ALA B 80 -32.12 -7.80 -12.95
C ALA B 80 -31.71 -8.98 -12.08
N SER B 81 -30.99 -9.95 -12.65
CA SER B 81 -30.57 -11.15 -11.93
C SER B 81 -29.15 -11.04 -11.37
N ARG B 82 -28.55 -9.85 -11.45
CA ARG B 82 -27.13 -9.67 -11.14
C ARG B 82 -26.78 -10.17 -9.74
N ASP B 83 -27.71 -10.12 -8.79
CA ASP B 83 -27.46 -10.52 -7.42
C ASP B 83 -28.19 -11.80 -7.06
N LEU B 84 -28.69 -12.54 -8.06
CA LEU B 84 -29.45 -13.77 -7.80
C LEU B 84 -28.63 -14.80 -7.06
N VAL B 85 -27.35 -14.95 -7.41
CA VAL B 85 -26.55 -16.02 -6.81
C VAL B 85 -26.09 -15.59 -5.41
N VAL B 86 -25.79 -14.30 -5.24
CA VAL B 86 -25.50 -13.76 -3.91
C VAL B 86 -26.70 -13.99 -2.99
N SER B 87 -27.92 -13.82 -3.51
N SER B 87 -27.92 -13.82 -3.51
CA SER B 87 -29.12 -14.07 -2.72
CA SER B 87 -29.11 -14.07 -2.71
C SER B 87 -29.26 -15.55 -2.39
C SER B 87 -29.30 -15.55 -2.40
N TYR B 88 -28.92 -16.43 -3.34
CA TYR B 88 -28.93 -17.86 -3.05
C TYR B 88 -27.98 -18.19 -1.90
N VAL B 89 -26.77 -17.63 -1.91
CA VAL B 89 -25.82 -17.90 -0.82
C VAL B 89 -26.37 -17.41 0.51
N ASN B 90 -26.86 -16.17 0.55
CA ASN B 90 -27.42 -15.67 1.81
C ASN B 90 -28.59 -16.54 2.28
N THR B 91 -29.40 -17.03 1.33
CA THR B 91 -30.56 -17.81 1.74
C THR B 91 -30.15 -19.17 2.28
N ASN B 92 -29.10 -19.79 1.74
CA ASN B 92 -28.79 -21.16 2.12
C ASN B 92 -27.72 -21.29 3.18
N VAL B 93 -26.74 -20.38 3.23
CA VAL B 93 -25.68 -20.47 4.22
C VAL B 93 -25.47 -19.17 5.00
N GLY B 94 -26.25 -18.12 4.74
CA GLY B 94 -26.07 -16.89 5.50
C GLY B 94 -26.22 -17.10 6.99
N LEU B 95 -27.24 -17.86 7.40
CA LEU B 95 -27.44 -18.11 8.83
C LEU B 95 -26.28 -18.93 9.41
N LYS B 96 -25.80 -19.93 8.67
CA LYS B 96 -24.66 -20.69 9.17
C LYS B 96 -23.48 -19.79 9.46
N PHE B 97 -23.19 -18.84 8.57
CA PHE B 97 -22.02 -18.00 8.80
C PHE B 97 -22.28 -16.92 9.87
N ARG B 98 -23.52 -16.42 9.98
CA ARG B 98 -23.83 -15.50 11.08
C ARG B 98 -23.63 -16.16 12.43
N GLN B 99 -24.08 -17.42 12.55
CA GLN B 99 -23.83 -18.17 13.78
C GLN B 99 -22.35 -18.29 14.07
N LEU B 100 -21.57 -18.68 13.05
CA LEU B 100 -20.17 -18.98 13.28
C LEU B 100 -19.38 -17.72 13.60
N LEU B 101 -19.59 -16.66 12.83
CA LEU B 101 -18.90 -15.40 13.10
C LEU B 101 -19.31 -14.85 14.47
N TRP B 102 -20.60 -14.89 14.79
CA TRP B 102 -21.04 -14.41 16.10
C TRP B 102 -20.36 -15.19 17.22
N PHE B 103 -20.31 -16.52 17.08
CA PHE B 103 -19.71 -17.36 18.12
C PHE B 103 -18.27 -16.97 18.41
N HIS B 104 -17.42 -16.87 17.35
CA HIS B 104 -16.02 -16.59 17.61
C HIS B 104 -15.80 -15.18 18.09
N ILE B 105 -16.49 -14.20 17.49
CA ILE B 105 -16.34 -12.82 17.96
C ILE B 105 -16.76 -12.69 19.42
N SER B 106 -17.89 -13.30 19.78
N SER B 106 -17.89 -13.30 19.78
CA SER B 106 -18.37 -13.17 21.15
CA SER B 106 -18.38 -13.17 21.15
C SER B 106 -17.48 -13.91 22.13
C SER B 106 -17.49 -13.91 22.14
N CYS B 107 -16.97 -15.08 21.75
CA CYS B 107 -16.06 -15.82 22.64
C CYS B 107 -14.78 -15.05 22.90
N LEU B 108 -14.23 -14.40 21.87
CA LEU B 108 -13.03 -13.59 22.06
C LEU B 108 -13.30 -12.41 22.98
N THR B 109 -14.52 -11.91 22.98
CA THR B 109 -14.85 -10.71 23.75
C THR B 109 -15.28 -11.04 25.17
N PHE B 110 -16.05 -12.14 25.35
CA PHE B 110 -16.67 -12.45 26.64
C PHE B 110 -16.22 -13.75 27.27
N GLY B 111 -15.54 -14.64 26.54
CA GLY B 111 -15.14 -15.93 27.05
C GLY B 111 -16.14 -17.03 26.73
N ARG B 112 -15.65 -18.22 26.41
CA ARG B 112 -16.52 -19.28 25.93
C ARG B 112 -17.61 -19.64 26.94
N GLU B 113 -17.24 -19.82 28.21
CA GLU B 113 -18.20 -20.24 29.22
C GLU B 113 -19.31 -19.21 29.37
N THR B 114 -18.95 -17.93 29.39
CA THR B 114 -19.95 -16.87 29.47
C THR B 114 -20.86 -16.88 28.25
N VAL B 115 -20.29 -17.07 27.06
CA VAL B 115 -21.10 -17.06 25.85
C VAL B 115 -22.10 -18.21 25.87
N LEU B 116 -21.65 -19.40 26.25
CA LEU B 116 -22.53 -20.55 26.20
C LEU B 116 -23.66 -20.45 27.22
N GLU B 117 -23.36 -19.94 28.41
CA GLU B 117 -24.41 -19.70 29.40
C GLU B 117 -25.42 -18.66 28.93
N TYR B 118 -24.93 -17.58 28.28
CA TYR B 118 -25.83 -16.56 27.75
C TYR B 118 -26.71 -17.12 26.65
N LEU B 119 -26.12 -17.95 25.78
CA LEU B 119 -26.87 -18.57 24.69
C LEU B 119 -28.07 -19.34 25.23
N VAL B 120 -27.84 -20.16 26.24
CA VAL B 120 -28.93 -20.93 26.82
C VAL B 120 -29.93 -20.02 27.52
N SER B 121 -29.44 -19.01 28.25
N SER B 121 -29.43 -19.00 28.22
CA SER B 121 -30.35 -18.08 28.93
CA SER B 121 -30.32 -18.08 28.93
C SER B 121 -31.26 -17.38 27.92
C SER B 121 -31.23 -17.31 27.96
N PHE B 122 -30.66 -16.85 26.85
CA PHE B 122 -31.46 -16.14 25.86
C PHE B 122 -32.44 -17.07 25.17
N GLY B 123 -31.99 -18.29 24.82
CA GLY B 123 -32.88 -19.21 24.14
C GLY B 123 -34.09 -19.58 24.98
N VAL B 124 -33.91 -19.71 26.29
CA VAL B 124 -35.05 -19.98 27.17
C VAL B 124 -35.95 -18.75 27.29
N TRP B 125 -35.33 -17.58 27.43
CA TRP B 125 -36.10 -16.33 27.57
C TRP B 125 -36.98 -16.10 26.34
N ILE B 126 -36.41 -16.25 25.14
CA ILE B 126 -37.17 -15.92 23.93
C ILE B 126 -38.27 -16.93 23.66
N ARG B 127 -38.16 -18.17 24.17
CA ARG B 127 -39.22 -19.15 24.04
C ARG B 127 -40.30 -19.00 25.11
N THR B 128 -40.07 -18.17 26.10
CA THR B 128 -41.10 -17.91 27.10
C THR B 128 -42.12 -16.97 26.47
N PRO B 129 -43.40 -17.33 26.46
CA PRO B 129 -44.39 -16.49 25.79
C PRO B 129 -44.44 -15.12 26.43
N PRO B 130 -44.80 -14.09 25.66
CA PRO B 130 -44.68 -12.73 26.18
C PRO B 130 -45.55 -12.47 27.40
N ALA B 131 -46.66 -13.19 27.55
CA ALA B 131 -47.47 -13.08 28.76
C ALA B 131 -46.63 -13.26 30.02
N ALA B 132 -45.59 -14.10 29.97
CA ALA B 132 -44.76 -14.40 31.12
C ALA B 132 -43.34 -13.88 31.00
N ARG B 133 -42.93 -13.43 29.82
CA ARG B 133 -41.53 -13.10 29.60
C ARG B 133 -41.21 -11.77 30.25
N PRO B 134 -40.23 -11.71 31.15
CA PRO B 134 -39.79 -10.43 31.69
C PRO B 134 -39.31 -9.52 30.58
N PRO B 135 -39.47 -8.20 30.72
CA PRO B 135 -39.25 -7.31 29.57
C PRO B 135 -37.81 -7.22 29.13
N ASN B 136 -36.83 -7.37 30.03
CA ASN B 136 -35.44 -7.24 29.63
C ASN B 136 -34.82 -8.62 29.42
N ALA B 137 -34.14 -8.77 28.29
CA ALA B 137 -33.44 -9.99 27.95
C ALA B 137 -32.27 -10.21 28.91
N PRO B 138 -31.75 -11.43 29.00
CA PRO B 138 -30.56 -11.65 29.83
C PRO B 138 -29.41 -10.81 29.29
N ILE B 139 -28.44 -10.52 30.13
CA ILE B 139 -27.35 -9.66 29.72
C ILE B 139 -26.11 -10.51 29.46
N LEU B 140 -25.38 -10.14 28.42
CA LEU B 140 -24.11 -10.72 28.05
C LEU B 140 -23.02 -9.77 28.52
N SER B 141 -22.22 -10.20 29.50
CA SER B 141 -21.17 -9.32 29.98
C SER B 141 -20.00 -10.13 30.52
N THR B 142 -18.81 -9.57 30.38
CA THR B 142 -17.60 -10.25 30.81
C THR B 142 -17.61 -10.46 32.31
N LEU B 143 -16.98 -11.55 32.75
CA LEU B 143 -16.75 -11.76 34.16
C LEU B 143 -15.84 -10.67 34.72
N PRO B 144 -16.05 -10.27 35.98
CA PRO B 144 -15.08 -9.37 36.62
C PRO B 144 -13.73 -10.03 36.76
N GLU B 145 -12.67 -9.24 36.67
CA GLU B 145 -11.33 -9.81 36.67
C GLU B 145 -10.94 -10.37 38.03
N THR B 146 -11.46 -9.80 39.12
CA THR B 146 -11.21 -10.28 40.46
C THR B 146 -12.52 -10.45 41.21
N THR B 147 -12.59 -11.50 42.04
CA THR B 147 -13.79 -11.80 42.80
C THR B 147 -13.92 -10.87 44.01
N VAL B 148 -15.11 -10.87 44.61
CA VAL B 148 -15.33 -10.05 45.79
C VAL B 148 -14.49 -10.58 46.95
N VAL B 149 -14.34 -11.90 47.04
CA VAL B 149 -13.53 -12.50 48.10
C VAL B 149 -12.09 -12.03 48.02
N GLU B 150 -11.52 -12.05 46.82
CA GLU B 150 -10.15 -11.58 46.64
C GLU B 150 -10.03 -10.09 46.96
N ASN B 151 -10.98 -9.29 46.46
CA ASN B 151 -10.97 -7.86 46.77
C ASN B 151 -10.98 -7.62 48.27
N LEU B 152 -11.83 -8.35 49.01
CA LEU B 152 -11.89 -8.18 50.45
C LEU B 152 -10.62 -8.70 51.12
N TYR B 153 -10.02 -9.76 50.57
CA TYR B 153 -8.81 -10.30 51.20
C TYR B 153 -7.69 -9.28 51.21
N PHE B 154 -7.61 -8.44 50.18
CA PHE B 154 -6.51 -7.48 50.09
C PHE B 154 -6.82 -6.15 50.75
N GLN B 155 -8.00 -5.97 51.33
CA GLN B 155 -8.27 -4.78 52.12
C GLN B 155 -7.38 -4.70 53.36
N MET C 1 -0.03 13.20 -0.36
CA MET C 1 0.17 12.69 0.99
C MET C 1 -1.10 12.02 1.46
N ASP C 2 -0.96 10.96 2.25
CA ASP C 2 -2.13 10.23 2.74
C ASP C 2 -2.16 10.44 4.25
N ILE C 3 -2.91 11.47 4.66
CA ILE C 3 -3.03 11.85 6.06
C ILE C 3 -4.36 11.39 6.60
N ASP C 4 -4.33 10.73 7.75
CA ASP C 4 -5.54 10.38 8.48
C ASP C 4 -5.71 11.41 9.59
N PRO C 5 -6.75 12.23 9.57
CA PRO C 5 -6.86 13.33 10.56
C PRO C 5 -7.00 12.84 11.99
N TYR C 6 -7.36 11.57 12.19
CA TYR C 6 -7.53 11.03 13.54
C TYR C 6 -6.24 10.44 14.09
N LYS C 7 -5.22 10.24 13.25
CA LYS C 7 -4.08 9.43 13.67
C LYS C 7 -3.30 10.07 14.81
N GLU C 8 -3.06 11.38 14.75
CA GLU C 8 -2.34 12.01 15.86
C GLU C 8 -3.17 12.03 17.14
N PHE C 9 -4.45 11.73 17.05
CA PHE C 9 -5.36 11.68 18.19
C PHE C 9 -5.67 10.27 18.64
N GLY C 10 -4.93 9.27 18.17
CA GLY C 10 -5.14 7.91 18.63
C GLY C 10 -6.34 7.20 18.05
N ALA C 11 -6.81 7.61 16.87
CA ALA C 11 -7.91 6.90 16.23
C ALA C 11 -7.62 6.84 14.73
N THR C 12 -8.60 6.40 13.96
CA THR C 12 -8.45 6.26 12.50
C THR C 12 -9.79 6.52 11.87
N VAL C 13 -9.76 6.80 10.57
CA VAL C 13 -11.00 6.91 9.80
C VAL C 13 -11.82 5.62 9.90
N GLU C 14 -11.15 4.45 9.82
CA GLU C 14 -11.90 3.18 9.90
C GLU C 14 -12.66 3.05 11.21
N LEU C 15 -12.05 3.46 12.32
CA LEU C 15 -12.74 3.35 13.60
C LEU C 15 -13.96 4.26 13.67
N LEU C 16 -13.84 5.50 13.22
CA LEU C 16 -15.00 6.40 13.25
C LEU C 16 -16.13 5.86 12.38
N SER C 17 -15.80 5.19 11.28
N SER C 17 -15.76 5.17 11.29
CA SER C 17 -16.87 4.70 10.44
CA SER C 17 -16.75 4.58 10.39
C SER C 17 -17.57 3.46 11.03
C SER C 17 -17.58 3.50 11.05
N PHE C 18 -17.13 2.98 12.20
CA PHE C 18 -17.91 1.95 12.91
C PHE C 18 -19.20 2.54 13.46
N LEU C 19 -19.27 3.88 13.64
CA LEU C 19 -20.55 4.45 14.05
C LEU C 19 -21.47 4.60 12.83
N PRO C 20 -22.75 4.26 12.95
CA PRO C 20 -23.66 4.46 11.81
C PRO C 20 -23.83 5.94 11.51
N SER C 21 -24.19 6.22 10.25
CA SER C 21 -24.35 7.62 9.83
C SER C 21 -25.37 8.35 10.69
N ASP C 22 -26.44 7.66 11.09
CA ASP C 22 -27.50 8.39 11.80
C ASP C 22 -27.22 8.54 13.30
N PHE C 23 -26.07 8.07 13.77
CA PHE C 23 -25.63 8.39 15.13
C PHE C 23 -25.28 9.88 15.27
N PHE C 24 -24.68 10.46 14.22
CA PHE C 24 -24.09 11.80 14.39
C PHE C 24 -25.13 12.92 14.30
N PRO C 25 -25.01 13.94 15.14
CA PRO C 25 -25.79 15.16 14.91
C PRO C 25 -25.46 15.77 13.55
N SER C 26 -26.30 16.70 13.12
CA SER C 26 -25.99 17.48 11.92
C SER C 26 -24.75 18.34 12.15
N VAL C 27 -24.11 18.76 11.04
CA VAL C 27 -22.97 19.68 11.17
C VAL C 27 -23.42 20.93 11.92
N ARG C 28 -24.61 21.43 11.59
CA ARG C 28 -25.08 22.67 12.24
C ARG C 28 -25.21 22.49 13.75
N ASP C 29 -25.79 21.36 14.19
CA ASP C 29 -25.90 21.11 15.62
C ASP C 29 -24.54 20.90 16.27
N LEU C 30 -23.58 20.30 15.55
CA LEU C 30 -22.22 20.19 16.07
C LEU C 30 -21.56 21.55 16.20
N LEU C 31 -21.71 22.39 15.18
CA LEU C 31 -21.10 23.73 15.25
C LEU C 31 -21.73 24.56 16.36
N ASP C 32 -23.06 24.46 16.57
CA ASP C 32 -23.67 25.22 17.65
C ASP C 32 -23.21 24.73 19.02
N THR C 33 -22.96 23.42 19.16
CA THR C 33 -22.42 22.89 20.41
C THR C 33 -20.98 23.31 20.63
N ALA C 34 -20.15 23.29 19.59
CA ALA C 34 -18.78 23.78 19.74
C ALA C 34 -18.76 25.21 20.25
N ALA C 35 -19.64 26.07 19.74
CA ALA C 35 -19.71 27.45 20.22
C ALA C 35 -20.17 27.51 21.68
N ALA C 36 -21.24 26.76 22.01
CA ALA C 36 -21.79 26.83 23.36
C ALA C 36 -20.76 26.38 24.39
N LEU C 37 -19.96 25.36 24.05
CA LEU C 37 -19.01 24.78 24.99
C LEU C 37 -17.61 25.40 24.92
N TYR C 38 -17.16 25.86 23.73
CA TYR C 38 -15.74 26.19 23.56
C TYR C 38 -15.48 27.49 22.80
N ARG C 39 -16.50 28.33 22.58
CA ARG C 39 -16.31 29.53 21.76
C ARG C 39 -15.11 30.36 22.21
N ASP C 40 -14.98 30.58 23.52
CA ASP C 40 -13.94 31.47 24.00
C ASP C 40 -12.55 30.89 23.76
N ALA C 41 -12.37 29.61 24.06
CA ALA C 41 -11.08 28.97 23.81
C ALA C 41 -10.77 28.94 22.32
N LEU C 42 -11.75 28.62 21.49
CA LEU C 42 -11.52 28.51 20.05
C LEU C 42 -11.11 29.85 19.44
N GLU C 43 -11.66 30.96 19.97
CA GLU C 43 -11.37 32.31 19.47
C GLU C 43 -10.17 32.97 20.13
N SER C 44 -9.50 32.30 21.07
CA SER C 44 -8.43 32.93 21.85
C SER C 44 -7.08 32.81 21.13
N PRO C 45 -6.11 33.63 21.51
CA PRO C 45 -4.77 33.51 20.92
C PRO C 45 -3.92 32.37 21.48
N GLU C 46 -4.49 31.46 22.29
CA GLU C 46 -3.74 30.33 22.82
C GLU C 46 -4.07 29.07 22.03
N HIS C 47 -3.07 28.20 21.84
CA HIS C 47 -3.33 26.92 21.20
C HIS C 47 -4.39 26.13 21.97
N CYS C 48 -4.27 26.11 23.30
CA CYS C 48 -5.15 25.39 24.23
C CYS C 48 -4.87 23.89 24.20
N SER C 49 -5.05 23.24 23.06
CA SER C 49 -4.71 21.83 22.94
C SER C 49 -4.70 21.48 21.45
N PRO C 50 -4.09 20.34 21.08
CA PRO C 50 -4.18 19.91 19.68
C PRO C 50 -5.60 19.69 19.20
N HIS C 51 -6.52 19.26 20.07
CA HIS C 51 -7.92 19.18 19.65
C HIS C 51 -8.49 20.55 19.29
N HIS C 52 -8.14 21.59 20.06
CA HIS C 52 -8.61 22.93 19.72
C HIS C 52 -8.05 23.39 18.38
N THR C 53 -6.76 23.17 18.15
CA THR C 53 -6.16 23.56 16.88
C THR C 53 -6.87 22.85 15.72
N ALA C 54 -7.09 21.54 15.85
CA ALA C 54 -7.77 20.81 14.77
C ALA C 54 -9.20 21.29 14.58
N LEU C 55 -9.94 21.46 15.69
CA LEU C 55 -11.33 21.89 15.61
C LEU C 55 -11.45 23.26 14.96
N ARG C 56 -10.55 24.19 15.29
CA ARG C 56 -10.55 25.49 14.59
C ARG C 56 -10.51 25.30 13.08
N GLN C 57 -9.60 24.45 12.58
CA GLN C 57 -9.46 24.34 11.14
C GLN C 57 -10.71 23.72 10.53
N ALA C 58 -11.30 22.72 11.19
CA ALA C 58 -12.48 22.06 10.66
C ALA C 58 -13.66 23.02 10.56
N ILE C 59 -13.86 23.85 11.59
CA ILE C 59 -14.92 24.85 11.54
C ILE C 59 -14.73 25.76 10.34
N LEU C 60 -13.51 26.25 10.13
CA LEU C 60 -13.26 27.16 9.01
C LEU C 60 -13.41 26.43 7.67
N CYS C 61 -12.96 25.18 7.60
CA CYS C 61 -13.10 24.41 6.37
C CYS C 61 -14.57 24.22 5.99
N TRP C 62 -15.44 23.95 6.97
CA TRP C 62 -16.85 23.82 6.63
C TRP C 62 -17.36 25.12 6.03
N GLY C 63 -16.94 26.25 6.61
CA GLY C 63 -17.28 27.54 6.02
C GLY C 63 -16.83 27.66 4.58
N ASP C 64 -15.61 27.22 4.27
CA ASP C 64 -15.11 27.24 2.89
C ASP C 64 -15.99 26.38 1.99
N LEU C 65 -16.30 25.16 2.43
CA LEU C 65 -17.08 24.24 1.61
C LEU C 65 -18.48 24.78 1.34
N MET C 66 -19.12 25.35 2.37
CA MET C 66 -20.50 25.83 2.19
C MET C 66 -20.54 27.08 1.32
N THR C 67 -19.53 27.94 1.42
CA THR C 67 -19.43 29.08 0.52
C THR C 67 -19.31 28.62 -0.92
N LEU C 68 -18.43 27.65 -1.17
CA LEU C 68 -18.32 27.09 -2.50
C LEU C 68 -19.63 26.46 -2.96
N ALA C 69 -20.24 25.62 -2.11
CA ALA C 69 -21.50 24.97 -2.48
C ALA C 69 -22.61 26.00 -2.70
N THR C 70 -22.61 27.09 -1.93
CA THR C 70 -23.61 28.12 -2.14
C THR C 70 -23.44 28.77 -3.50
N TRP C 71 -22.19 29.12 -3.85
CA TRP C 71 -21.92 29.71 -5.15
C TRP C 71 -22.37 28.79 -6.27
N VAL C 72 -22.10 27.48 -6.14
CA VAL C 72 -22.49 26.53 -7.16
C VAL C 72 -24.02 26.47 -7.28
N GLY C 73 -24.70 26.35 -6.13
CA GLY C 73 -26.15 26.27 -6.16
C GLY C 73 -26.81 27.54 -6.68
N THR C 74 -26.24 28.70 -6.36
CA THR C 74 -26.84 29.96 -6.79
C THR C 74 -26.58 30.30 -8.25
N ASN C 75 -25.31 30.31 -8.66
CA ASN C 75 -24.92 30.75 -10.01
C ASN C 75 -24.92 29.56 -10.96
N LEU C 76 -26.12 29.03 -11.21
CA LEU C 76 -26.27 27.66 -11.68
C LEU C 76 -26.60 27.59 -13.17
N GLU C 77 -26.19 26.46 -13.78
CA GLU C 77 -26.59 26.15 -15.14
C GLU C 77 -28.09 25.87 -15.24
N ASP C 78 -28.68 25.27 -14.19
CA ASP C 78 -30.07 24.80 -14.17
C ASP C 78 -30.94 25.59 -13.20
N PRO C 79 -32.24 25.29 -13.13
CA PRO C 79 -33.00 25.52 -11.90
C PRO C 79 -33.37 24.20 -11.23
N ALA C 80 -33.49 24.19 -9.90
CA ALA C 80 -33.87 23.04 -9.08
C ALA C 80 -32.85 21.91 -9.10
N SER C 81 -31.69 22.09 -9.74
CA SER C 81 -30.56 21.19 -9.53
C SER C 81 -29.73 21.57 -8.32
N ARG C 82 -30.06 22.69 -7.68
CA ARG C 82 -29.54 23.03 -6.36
C ARG C 82 -29.70 21.83 -5.45
N ASP C 83 -30.84 21.14 -5.57
CA ASP C 83 -31.07 19.90 -4.84
C ASP C 83 -29.94 18.89 -5.05
N LEU C 84 -29.20 19.00 -6.16
CA LEU C 84 -28.13 18.04 -6.42
C LEU C 84 -26.87 18.33 -5.61
N VAL C 85 -26.43 19.59 -5.57
CA VAL C 85 -25.26 19.94 -4.77
C VAL C 85 -25.54 19.69 -3.29
N VAL C 86 -26.77 19.96 -2.84
CA VAL C 86 -27.13 19.67 -1.46
C VAL C 86 -26.99 18.18 -1.18
N SER C 87 -27.44 17.33 -2.11
CA SER C 87 -27.41 15.90 -1.89
C SER C 87 -25.98 15.38 -1.78
N TYR C 88 -25.07 15.90 -2.62
CA TYR C 88 -23.67 15.53 -2.51
C TYR C 88 -23.10 15.90 -1.14
N VAL C 89 -23.42 17.11 -0.65
CA VAL C 89 -22.97 17.54 0.67
C VAL C 89 -23.51 16.60 1.73
N ASN C 90 -24.81 16.29 1.66
CA ASN C 90 -25.39 15.40 2.66
C ASN C 90 -24.75 14.01 2.62
N THR C 91 -24.54 13.47 1.42
CA THR C 91 -24.06 12.09 1.28
C THR C 91 -22.56 11.95 1.54
N ASN C 92 -21.76 12.92 1.11
CA ASN C 92 -20.31 12.77 1.08
C ASN C 92 -19.63 13.63 2.12
N VAL C 93 -19.51 14.95 1.89
CA VAL C 93 -18.60 15.66 2.77
C VAL C 93 -19.27 16.01 4.09
N GLY C 94 -20.60 16.06 4.12
CA GLY C 94 -21.27 16.28 5.39
C GLY C 94 -21.00 15.17 6.39
N LEU C 95 -21.01 13.92 5.91
CA LEU C 95 -20.75 12.82 6.84
C LEU C 95 -19.32 12.86 7.36
N LYS C 96 -18.35 13.18 6.49
CA LYS C 96 -16.99 13.30 6.96
C LYS C 96 -16.87 14.31 8.08
N PHE C 97 -17.52 15.45 7.92
CA PHE C 97 -17.39 16.51 8.92
C PHE C 97 -18.22 16.24 10.17
N ARG C 98 -19.34 15.53 10.04
CA ARG C 98 -20.06 15.11 11.24
C ARG C 98 -19.20 14.20 12.11
N GLN C 99 -18.49 13.24 11.50
CA GLN C 99 -17.59 12.38 12.23
C GLN C 99 -16.49 13.18 12.92
N LEU C 100 -15.87 14.09 12.17
CA LEU C 100 -14.69 14.79 12.65
C LEU C 100 -15.05 15.77 13.75
N LEU C 101 -16.09 16.55 13.51
CA LEU C 101 -16.53 17.50 14.53
C LEU C 101 -17.00 16.79 15.79
N TRP C 102 -17.78 15.71 15.63
CA TRP C 102 -18.22 14.95 16.82
C TRP C 102 -17.02 14.46 17.60
N PHE C 103 -16.03 13.91 16.89
CA PHE C 103 -14.84 13.38 17.55
C PHE C 103 -14.13 14.43 18.39
N HIS C 104 -13.80 15.58 17.79
CA HIS C 104 -13.07 16.59 18.55
C HIS C 104 -13.90 17.16 19.68
N ILE C 105 -15.18 17.45 19.43
CA ILE C 105 -16.01 18.01 20.51
C ILE C 105 -16.12 17.02 21.67
N SER C 106 -16.33 15.74 21.36
N SER C 106 -16.32 15.74 21.36
CA SER C 106 -16.52 14.78 22.44
CA SER C 106 -16.52 14.77 22.44
C SER C 106 -15.22 14.54 23.20
C SER C 106 -15.22 14.51 23.20
N CYS C 107 -14.09 14.46 22.50
CA CYS C 107 -12.81 14.28 23.18
C CYS C 107 -12.52 15.44 24.14
N LEU C 108 -12.83 16.67 23.72
CA LEU C 108 -12.62 17.81 24.60
C LEU C 108 -13.50 17.73 25.84
N THR C 109 -14.67 17.11 25.72
CA THR C 109 -15.63 17.07 26.82
C THR C 109 -15.43 15.85 27.71
N PHE C 110 -15.12 14.69 27.13
CA PHE C 110 -15.05 13.43 27.89
C PHE C 110 -13.68 12.78 27.92
N GLY C 111 -12.73 13.23 27.09
CA GLY C 111 -11.45 12.56 27.04
C GLY C 111 -11.43 11.47 25.99
N ARG C 112 -10.25 11.26 25.41
CA ARG C 112 -10.12 10.37 24.25
C ARG C 112 -10.49 8.93 24.61
N GLU C 113 -9.99 8.41 25.74
CA GLU C 113 -10.24 7.01 26.05
C GLU C 113 -11.73 6.75 26.32
N THR C 114 -12.41 7.67 27.02
CA THR C 114 -13.85 7.53 27.21
C THR C 114 -14.59 7.51 25.88
N VAL C 115 -14.20 8.41 24.98
CA VAL C 115 -14.87 8.53 23.68
C VAL C 115 -14.70 7.25 22.85
N LEU C 116 -13.48 6.73 22.80
CA LEU C 116 -13.22 5.57 21.95
C LEU C 116 -13.87 4.32 22.52
N GLU C 117 -13.89 4.18 23.85
CA GLU C 117 -14.62 3.06 24.45
C GLU C 117 -16.11 3.16 24.17
N TYR C 118 -16.67 4.39 24.25
CA TYR C 118 -18.08 4.57 23.98
C TYR C 118 -18.39 4.28 22.51
N LEU C 119 -17.51 4.72 21.62
CA LEU C 119 -17.72 4.49 20.20
C LEU C 119 -17.89 2.99 19.93
N VAL C 120 -17.01 2.16 20.49
CA VAL C 120 -17.08 0.71 20.23
C VAL C 120 -18.29 0.10 20.92
N SER C 121 -18.60 0.53 22.15
CA SER C 121 -19.80 0.08 22.85
C SER C 121 -21.06 0.37 22.05
N PHE C 122 -21.22 1.62 21.58
CA PHE C 122 -22.41 1.94 20.79
C PHE C 122 -22.45 1.15 19.48
N GLY C 123 -21.32 1.04 18.79
CA GLY C 123 -21.31 0.35 17.51
C GLY C 123 -21.72 -1.11 17.66
N VAL C 124 -21.33 -1.75 18.76
CA VAL C 124 -21.75 -3.13 19.00
C VAL C 124 -23.23 -3.18 19.39
N TRP C 125 -23.67 -2.25 20.26
CA TRP C 125 -25.06 -2.22 20.70
C TRP C 125 -26.01 -2.04 19.51
N ILE C 126 -25.70 -1.11 18.63
CA ILE C 126 -26.65 -0.79 17.56
C ILE C 126 -26.72 -1.91 16.52
N ARG C 127 -25.65 -2.72 16.38
CA ARG C 127 -25.65 -3.86 15.47
C ARG C 127 -26.29 -5.10 16.08
N THR C 128 -26.60 -5.05 17.37
CA THR C 128 -27.31 -6.15 17.99
C THR C 128 -28.78 -6.05 17.63
N PRO C 129 -29.38 -7.09 17.05
CA PRO C 129 -30.76 -6.97 16.60
C PRO C 129 -31.67 -6.68 17.77
N PRO C 130 -32.80 -6.01 17.53
CA PRO C 130 -33.65 -5.59 18.65
C PRO C 130 -34.18 -6.77 19.47
N ALA C 131 -34.26 -7.97 18.89
CA ALA C 131 -34.61 -9.15 19.69
C ALA C 131 -33.74 -9.29 20.94
N ALA C 132 -32.45 -8.91 20.87
CA ALA C 132 -31.48 -9.10 21.96
C ALA C 132 -30.95 -7.82 22.58
N ARG C 133 -31.20 -6.69 21.98
CA ARG C 133 -30.56 -5.44 22.38
C ARG C 133 -31.24 -4.90 23.64
N PRO C 134 -30.49 -4.63 24.71
CA PRO C 134 -31.06 -3.96 25.86
C PRO C 134 -31.65 -2.63 25.46
N PRO C 135 -32.71 -2.18 26.14
CA PRO C 135 -33.46 -1.01 25.63
C PRO C 135 -32.70 0.28 25.67
N ASN C 136 -31.78 0.45 26.62
CA ASN C 136 -31.04 1.69 26.78
C ASN C 136 -29.66 1.54 26.16
N ALA C 137 -29.27 2.55 25.38
CA ALA C 137 -27.96 2.58 24.75
C ALA C 137 -26.88 2.76 25.81
N PRO C 138 -25.63 2.41 25.48
CA PRO C 138 -24.53 2.68 26.42
C PRO C 138 -24.44 4.16 26.70
N ILE C 139 -23.88 4.51 27.84
CA ILE C 139 -23.84 5.91 28.25
C ILE C 139 -22.46 6.50 27.97
N LEU C 140 -22.46 7.74 27.48
CA LEU C 140 -21.24 8.53 27.31
C LEU C 140 -21.14 9.49 28.48
N SER C 141 -20.22 9.23 29.40
CA SER C 141 -20.08 10.10 30.56
C SER C 141 -18.66 10.01 31.09
N THR C 142 -18.22 11.09 31.72
CA THR C 142 -16.88 11.15 32.30
C THR C 142 -16.71 10.12 33.41
N MET D 1 -19.26 31.43 15.02
CA MET D 1 -17.96 31.77 15.59
C MET D 1 -17.10 32.50 14.60
N ASP D 2 -16.28 33.42 15.08
CA ASP D 2 -15.39 34.18 14.20
C ASP D 2 -13.96 33.81 14.60
N ILE D 3 -13.42 32.81 13.91
CA ILE D 3 -12.08 32.28 14.18
C ILE D 3 -11.11 32.79 13.13
N ASP D 4 -9.99 33.33 13.58
CA ASP D 4 -8.90 33.69 12.68
C ASP D 4 -7.87 32.57 12.75
N PRO D 5 -7.62 31.82 11.67
CA PRO D 5 -6.73 30.65 11.78
C PRO D 5 -5.30 31.00 12.15
N TYR D 6 -4.91 32.26 11.99
CA TYR D 6 -3.56 32.71 12.31
C TYR D 6 -3.40 33.15 13.75
N LYS D 7 -4.50 33.37 14.48
CA LYS D 7 -4.41 34.04 15.78
C LYS D 7 -3.61 33.23 16.79
N GLU D 8 -3.86 31.91 16.88
CA GLU D 8 -3.06 31.13 17.81
C GLU D 8 -1.60 31.02 17.38
N PHE D 9 -1.26 31.43 16.16
CA PHE D 9 0.11 31.39 15.68
C PHE D 9 0.76 32.75 15.65
N GLY D 10 0.17 33.75 16.30
CA GLY D 10 0.77 35.07 16.38
C GLY D 10 0.63 35.93 15.16
N ALA D 11 -0.36 35.69 14.31
CA ALA D 11 -0.57 36.51 13.13
C ALA D 11 -2.07 36.70 12.93
N THR D 12 -2.43 37.26 11.78
CA THR D 12 -3.82 37.56 11.46
C THR D 12 -4.03 37.42 9.98
N VAL D 13 -5.30 37.26 9.59
CA VAL D 13 -5.66 37.26 8.18
C VAL D 13 -5.21 38.57 7.50
N GLU D 14 -5.42 39.70 8.18
CA GLU D 14 -5.03 40.98 7.58
C GLU D 14 -3.54 41.06 7.33
N LEU D 15 -2.71 40.56 8.25
CA LEU D 15 -1.27 40.59 8.03
C LEU D 15 -0.86 39.72 6.84
N LEU D 16 -1.41 38.51 6.73
CA LEU D 16 -1.05 37.69 5.56
C LEU D 16 -1.48 38.36 4.26
N SER D 17 -2.55 39.15 4.28
N SER D 17 -2.55 39.16 4.32
CA SER D 17 -2.96 39.80 3.04
CA SER D 17 -3.03 39.89 3.15
C SER D 17 -2.05 40.96 2.66
C SER D 17 -2.02 40.92 2.65
N PHE D 18 -1.05 41.28 3.48
CA PHE D 18 -0.05 42.27 3.07
C PHE D 18 0.87 41.70 2.00
N LEU D 19 0.97 40.36 1.88
CA LEU D 19 1.73 39.86 0.74
C LEU D 19 0.84 39.88 -0.51
N PRO D 20 1.35 40.30 -1.66
CA PRO D 20 0.53 40.27 -2.87
C PRO D 20 0.24 38.85 -3.29
N SER D 21 -0.85 38.69 -4.04
N SER D 21 -0.85 38.69 -4.05
CA SER D 21 -1.26 37.36 -4.47
CA SER D 21 -1.27 37.37 -4.47
C SER D 21 -0.16 36.67 -5.26
C SER D 21 -0.20 36.66 -5.28
N ASP D 22 0.53 37.40 -6.13
CA ASP D 22 1.53 36.73 -6.98
C ASP D 22 2.84 36.46 -6.24
N PHE D 23 2.92 36.78 -4.94
CA PHE D 23 4.03 36.29 -4.13
C PHE D 23 3.95 34.77 -3.93
N PHE D 24 2.71 34.22 -3.78
CA PHE D 24 2.57 32.84 -3.31
C PHE D 24 2.71 31.83 -4.45
N PRO D 25 3.37 30.71 -4.19
CA PRO D 25 3.30 29.59 -5.13
C PRO D 25 1.86 29.12 -5.25
N SER D 26 1.61 28.30 -6.26
CA SER D 26 0.31 27.65 -6.37
C SER D 26 0.08 26.69 -5.20
N VAL D 27 -1.19 26.34 -4.96
CA VAL D 27 -1.46 25.35 -3.94
C VAL D 27 -0.72 24.05 -4.26
N ARG D 28 -0.73 23.64 -5.52
CA ARG D 28 -0.03 22.40 -5.89
C ARG D 28 1.44 22.48 -5.51
N ASP D 29 2.12 23.59 -5.84
CA ASP D 29 3.54 23.69 -5.51
C ASP D 29 3.76 23.72 -4.00
N LEU D 30 2.83 24.33 -3.25
CA LEU D 30 2.95 24.31 -1.80
C LEU D 30 2.77 22.90 -1.26
N LEU D 31 1.78 22.15 -1.78
CA LEU D 31 1.56 20.80 -1.29
C LEU D 31 2.72 19.88 -1.64
N ASP D 32 3.32 20.06 -2.81
CA ASP D 32 4.49 19.25 -3.15
C ASP D 32 5.66 19.57 -2.26
N THR D 33 5.79 20.85 -1.85
CA THR D 33 6.84 21.21 -0.93
C THR D 33 6.56 20.68 0.47
N ALA D 34 5.31 20.78 0.94
CA ALA D 34 4.98 20.22 2.25
C ALA D 34 5.37 18.75 2.29
N ALA D 35 5.09 18.00 1.21
CA ALA D 35 5.46 16.59 1.15
C ALA D 35 6.97 16.38 1.17
N ALA D 36 7.70 17.14 0.36
CA ALA D 36 9.15 16.95 0.29
C ALA D 36 9.82 17.23 1.63
N LEU D 37 9.33 18.24 2.37
CA LEU D 37 9.97 18.66 3.62
C LEU D 37 9.43 17.96 4.85
N TYR D 38 8.15 17.58 4.88
CA TYR D 38 7.52 17.19 6.14
C TYR D 38 6.64 15.96 6.05
N ARG D 39 6.66 15.21 4.95
CA ARG D 39 5.68 14.12 4.79
C ARG D 39 5.70 13.18 5.98
N ASP D 40 6.89 12.79 6.44
CA ASP D 40 6.93 11.76 7.48
C ASP D 40 6.30 12.25 8.77
N ALA D 41 6.64 13.48 9.18
CA ALA D 41 6.03 14.03 10.40
C ALA D 41 4.53 14.20 10.22
N LEU D 42 4.09 14.68 9.05
CA LEU D 42 2.67 14.92 8.84
C LEU D 42 1.85 13.64 8.90
N GLU D 43 2.43 12.53 8.44
CA GLU D 43 1.76 11.24 8.41
C GLU D 43 1.95 10.43 9.69
N SER D 44 2.67 10.96 10.67
CA SER D 44 3.03 10.18 11.85
C SER D 44 1.93 10.27 12.91
N PRO D 45 1.93 9.35 13.88
CA PRO D 45 0.96 9.42 14.97
C PRO D 45 1.30 10.43 16.07
N GLU D 46 2.27 11.30 15.88
CA GLU D 46 2.64 12.30 16.87
C GLU D 46 2.12 13.67 16.46
N HIS D 47 1.63 14.46 17.45
CA HIS D 47 1.22 15.83 17.17
C HIS D 47 2.33 16.61 16.47
N CYS D 48 3.57 16.48 16.98
CA CYS D 48 4.77 17.17 16.50
C CYS D 48 4.75 18.64 16.90
N SER D 49 3.78 19.42 16.44
CA SER D 49 3.65 20.81 16.86
C SER D 49 2.27 21.31 16.46
N PRO D 50 1.83 22.44 17.02
CA PRO D 50 0.55 23.00 16.55
C PRO D 50 0.57 23.35 15.07
N HIS D 51 1.71 23.78 14.52
CA HIS D 51 1.77 24.01 13.08
C HIS D 51 1.55 22.72 12.29
N HIS D 52 2.10 21.59 12.76
CA HIS D 52 1.84 20.33 12.06
C HIS D 52 0.36 19.97 12.11
N THR D 53 -0.28 20.14 13.27
CA THR D 53 -1.69 19.83 13.37
C THR D 53 -2.50 20.68 12.40
N ALA D 54 -2.22 21.99 12.36
CA ALA D 54 -2.99 22.86 11.47
C ALA D 54 -2.74 22.50 10.01
N LEU D 55 -1.47 22.26 9.66
CA LEU D 55 -1.11 21.95 8.28
C LEU D 55 -1.78 20.65 7.80
N ARG D 56 -1.82 19.63 8.66
CA ARG D 56 -2.57 18.41 8.32
C ARG D 56 -3.99 18.74 7.90
N GLN D 57 -4.70 19.56 8.70
CA GLN D 57 -6.10 19.84 8.38
C GLN D 57 -6.22 20.63 7.07
N ALA D 58 -5.32 21.58 6.84
CA ALA D 58 -5.39 22.39 5.63
C ALA D 58 -5.20 21.53 4.38
N ILE D 59 -4.24 20.61 4.43
CA ILE D 59 -4.03 19.67 3.32
C ILE D 59 -5.31 18.89 3.04
N LEU D 60 -5.92 18.34 4.09
CA LEU D 60 -7.14 17.56 3.89
C LEU D 60 -8.29 18.44 3.41
N CYS D 61 -8.39 19.67 3.94
CA CYS D 61 -9.45 20.57 3.51
C CYS D 61 -9.35 20.87 2.02
N TRP D 62 -8.12 21.07 1.51
CA TRP D 62 -7.99 21.30 0.08
C TRP D 62 -8.50 20.11 -0.73
N GLY D 63 -8.19 18.89 -0.29
CA GLY D 63 -8.76 17.72 -0.93
C GLY D 63 -10.29 17.74 -0.95
N ASP D 64 -10.90 18.14 0.18
CA ASP D 64 -12.36 18.22 0.24
C ASP D 64 -12.87 19.23 -0.78
N LEU D 65 -12.25 20.41 -0.83
CA LEU D 65 -12.69 21.45 -1.74
C LEU D 65 -12.53 21.02 -3.19
N MET D 66 -11.40 20.39 -3.54
CA MET D 66 -11.19 20.04 -4.93
C MET D 66 -12.10 18.90 -5.37
N THR D 67 -12.35 17.95 -4.47
N THR D 67 -12.40 17.95 -4.48
CA THR D 67 -13.28 16.87 -4.76
CA THR D 67 -13.30 16.89 -4.90
C THR D 67 -14.68 17.42 -5.01
C THR D 67 -14.73 17.39 -5.01
N LEU D 68 -15.14 18.35 -4.16
CA LEU D 68 -16.42 19.01 -4.39
C LEU D 68 -16.42 19.75 -5.72
N ALA D 69 -15.38 20.55 -5.98
CA ALA D 69 -15.31 21.29 -7.23
C ALA D 69 -15.25 20.35 -8.43
N THR D 70 -14.56 19.20 -8.28
CA THR D 70 -14.48 18.23 -9.36
C THR D 70 -15.83 17.59 -9.62
N TRP D 71 -16.53 17.17 -8.57
CA TRP D 71 -17.86 16.59 -8.77
C TRP D 71 -18.77 17.57 -9.49
N VAL D 72 -18.73 18.84 -9.11
CA VAL D 72 -19.55 19.85 -9.78
C VAL D 72 -19.11 20.02 -11.23
N GLY D 73 -17.81 20.21 -11.45
CA GLY D 73 -17.31 20.41 -12.79
C GLY D 73 -17.54 19.22 -13.71
N THR D 74 -17.45 18.01 -13.17
CA THR D 74 -17.61 16.81 -13.98
C THR D 74 -19.06 16.66 -14.43
N ASN D 75 -20.01 17.02 -13.56
CA ASN D 75 -21.43 16.91 -13.83
C ASN D 75 -22.00 18.17 -14.48
N LEU D 76 -21.16 18.93 -15.19
CA LEU D 76 -21.56 20.14 -15.92
C LEU D 76 -21.36 19.89 -17.40
N GLU D 77 -22.45 20.01 -18.18
CA GLU D 77 -22.39 19.74 -19.61
C GLU D 77 -21.61 20.82 -20.35
N ASP D 78 -21.90 22.07 -20.05
CA ASP D 78 -21.28 23.23 -20.71
C ASP D 78 -19.82 23.35 -20.31
N PRO D 79 -18.86 23.13 -21.22
CA PRO D 79 -17.44 23.23 -20.83
C PRO D 79 -17.04 24.62 -20.37
N ALA D 80 -17.70 25.67 -20.85
CA ALA D 80 -17.43 27.00 -20.33
C ALA D 80 -17.81 27.10 -18.84
N SER D 81 -18.81 26.33 -18.41
CA SER D 81 -19.22 26.35 -17.01
C SER D 81 -18.21 25.63 -16.13
N ARG D 82 -17.57 24.57 -16.64
CA ARG D 82 -16.44 23.98 -15.95
C ARG D 82 -15.33 25.01 -15.76
N ASP D 83 -15.09 25.84 -16.78
CA ASP D 83 -14.10 26.90 -16.66
C ASP D 83 -14.49 27.93 -15.61
N LEU D 84 -15.80 28.11 -15.38
CA LEU D 84 -16.25 29.01 -14.33
C LEU D 84 -15.86 28.49 -12.94
N VAL D 85 -16.05 27.19 -12.70
CA VAL D 85 -15.70 26.61 -11.41
C VAL D 85 -14.21 26.76 -11.14
N VAL D 86 -13.37 26.48 -12.14
CA VAL D 86 -11.93 26.65 -11.97
C VAL D 86 -11.60 28.09 -11.66
N SER D 87 -12.24 29.02 -12.36
CA SER D 87 -11.94 30.43 -12.13
C SER D 87 -12.37 30.86 -10.74
N TYR D 88 -13.48 30.32 -10.25
CA TYR D 88 -13.93 30.66 -8.90
C TYR D 88 -12.92 30.16 -7.87
N VAL D 89 -12.42 28.94 -8.04
CA VAL D 89 -11.39 28.42 -7.15
C VAL D 89 -10.16 29.30 -7.19
N ASN D 90 -9.73 29.66 -8.40
CA ASN D 90 -8.53 30.48 -8.53
C ASN D 90 -8.70 31.83 -7.86
N THR D 91 -9.87 32.45 -8.03
CA THR D 91 -10.09 33.82 -7.56
C THR D 91 -10.30 33.90 -6.05
N ASN D 92 -10.98 32.91 -5.47
CA ASN D 92 -11.41 33.01 -4.09
C ASN D 92 -10.66 32.04 -3.18
N VAL D 93 -10.99 30.75 -3.21
CA VAL D 93 -10.54 29.91 -2.10
C VAL D 93 -9.10 29.49 -2.31
N GLY D 94 -8.59 29.53 -3.53
CA GLY D 94 -7.19 29.24 -3.76
C GLY D 94 -6.25 30.21 -3.07
N LEU D 95 -6.57 31.51 -3.12
CA LEU D 95 -5.66 32.48 -2.49
C LEU D 95 -5.63 32.31 -0.98
N LYS D 96 -6.79 32.01 -0.35
CA LYS D 96 -6.79 31.77 1.09
C LYS D 96 -5.86 30.62 1.47
N PHE D 97 -5.88 29.55 0.69
CA PHE D 97 -5.09 28.38 1.02
C PHE D 97 -3.62 28.56 0.62
N ARG D 98 -3.34 29.34 -0.42
CA ARG D 98 -1.94 29.67 -0.72
C ARG D 98 -1.32 30.42 0.45
N GLN D 99 -2.06 31.38 1.01
CA GLN D 99 -1.57 32.10 2.19
C GLN D 99 -1.34 31.15 3.36
N LEU D 100 -2.33 30.30 3.64
CA LEU D 100 -2.31 29.47 4.85
C LEU D 100 -1.23 28.41 4.77
N LEU D 101 -1.16 27.70 3.64
CA LEU D 101 -0.12 26.68 3.45
C LEU D 101 1.27 27.31 3.49
N TRP D 102 1.43 28.45 2.83
CA TRP D 102 2.73 29.11 2.85
C TRP D 102 3.13 29.47 4.27
N PHE D 103 2.17 30.02 5.04
CA PHE D 103 2.46 30.39 6.41
C PHE D 103 2.96 29.19 7.24
N HIS D 104 2.22 28.07 7.21
CA HIS D 104 2.63 26.96 8.05
C HIS D 104 3.93 26.32 7.56
N ILE D 105 4.08 26.16 6.25
CA ILE D 105 5.30 25.53 5.73
C ILE D 105 6.53 26.38 6.08
N SER D 106 6.42 27.70 5.90
N SER D 106 6.41 27.70 5.91
CA SER D 106 7.56 28.56 6.19
CA SER D 106 7.55 28.57 6.18
C SER D 106 7.84 28.62 7.69
C SER D 106 7.83 28.64 7.68
N CYS D 107 6.79 28.72 8.51
CA CYS D 107 6.98 28.71 9.95
C CYS D 107 7.67 27.43 10.42
N LEU D 108 7.30 26.28 9.86
CA LEU D 108 7.91 25.02 10.28
C LEU D 108 9.41 25.00 10.01
N THR D 109 9.87 25.74 8.99
CA THR D 109 11.29 25.79 8.68
C THR D 109 12.03 26.93 9.38
N PHE D 110 11.44 28.12 9.45
CA PHE D 110 12.16 29.31 9.90
C PHE D 110 11.69 29.87 11.23
N GLY D 111 10.54 29.46 11.72
CA GLY D 111 10.03 30.02 12.95
C GLY D 111 9.18 31.25 12.68
N ARG D 112 8.20 31.47 13.57
CA ARG D 112 7.24 32.56 13.42
C ARG D 112 7.92 33.90 13.26
N GLU D 113 8.91 34.20 14.11
CA GLU D 113 9.47 35.54 14.10
C GLU D 113 10.14 35.86 12.77
N THR D 114 10.99 34.95 12.29
CA THR D 114 11.64 35.15 11.00
C THR D 114 10.63 35.31 9.88
N VAL D 115 9.57 34.48 9.90
CA VAL D 115 8.56 34.55 8.85
C VAL D 115 7.85 35.90 8.84
N LEU D 116 7.43 36.37 10.02
CA LEU D 116 6.67 37.62 10.08
C LEU D 116 7.56 38.81 9.75
N GLU D 117 8.81 38.78 10.19
CA GLU D 117 9.73 39.84 9.78
C GLU D 117 9.91 39.84 8.26
N TYR D 118 10.06 38.66 7.66
CA TYR D 118 10.23 38.58 6.22
C TYR D 118 8.98 39.06 5.49
N LEU D 119 7.80 38.67 5.99
CA LEU D 119 6.56 39.08 5.36
C LEU D 119 6.48 40.61 5.26
N VAL D 120 6.79 41.29 6.36
CA VAL D 120 6.73 42.75 6.37
C VAL D 120 7.81 43.33 5.46
N SER D 121 9.02 42.75 5.47
CA SER D 121 10.10 43.24 4.61
C SER D 121 9.72 43.12 3.15
N PHE D 122 9.21 41.96 2.74
CA PHE D 122 8.81 41.79 1.34
C PHE D 122 7.65 42.72 0.98
N GLY D 123 6.65 42.83 1.86
CA GLY D 123 5.51 43.67 1.54
C GLY D 123 5.89 45.12 1.33
N VAL D 124 6.88 45.60 2.09
CA VAL D 124 7.37 46.97 1.92
C VAL D 124 8.20 47.09 0.65
N TRP D 125 9.09 46.12 0.41
CA TRP D 125 9.94 46.16 -0.78
C TRP D 125 9.10 46.17 -2.05
N ILE D 126 8.10 45.30 -2.12
CA ILE D 126 7.34 45.19 -3.37
C ILE D 126 6.45 46.42 -3.62
N ARG D 127 6.07 47.17 -2.57
CA ARG D 127 5.30 48.40 -2.73
C ARG D 127 6.18 49.61 -3.03
N THR D 128 7.47 49.45 -2.94
CA THR D 128 8.40 50.52 -3.31
C THR D 128 8.54 50.54 -4.83
N PRO D 129 8.33 51.69 -5.48
CA PRO D 129 8.46 51.72 -6.93
C PRO D 129 9.85 51.29 -7.34
N PRO D 130 9.98 50.64 -8.50
CA PRO D 130 11.25 49.95 -8.80
C PRO D 130 12.49 50.86 -8.90
N ALA D 131 12.32 52.11 -9.33
CA ALA D 131 13.43 53.07 -9.30
C ALA D 131 14.06 53.21 -7.92
N ALA D 132 13.27 53.09 -6.85
CA ALA D 132 13.88 53.32 -5.54
C ALA D 132 14.28 52.04 -4.85
N ARG D 133 13.77 50.93 -5.27
CA ARG D 133 13.97 49.67 -4.57
C ARG D 133 15.20 48.94 -5.12
N PRO D 134 16.08 48.43 -4.26
CA PRO D 134 17.19 47.61 -4.72
C PRO D 134 16.70 46.47 -5.57
N PRO D 135 17.51 45.98 -6.51
CA PRO D 135 17.02 45.02 -7.49
C PRO D 135 16.67 43.66 -6.88
N ASN D 136 17.33 43.28 -5.78
CA ASN D 136 17.12 41.98 -5.18
C ASN D 136 16.18 42.09 -3.98
N ALA D 137 15.21 41.20 -3.94
CA ALA D 137 14.23 41.17 -2.85
C ALA D 137 14.91 40.83 -1.53
N PRO D 138 14.25 41.11 -0.40
CA PRO D 138 14.81 40.68 0.89
C PRO D 138 14.94 39.16 0.90
N ILE D 139 15.82 38.69 1.76
CA ILE D 139 16.08 37.25 1.80
C ILE D 139 15.31 36.65 2.98
N LEU D 140 14.87 35.42 2.80
CA LEU D 140 14.20 34.65 3.84
C LEU D 140 15.19 33.68 4.45
N SER D 141 15.64 33.98 5.66
CA SER D 141 16.54 33.14 6.43
C SER D 141 16.48 33.60 7.88
N THR D 142 16.77 32.69 8.81
CA THR D 142 16.82 33.08 10.22
C THR D 142 18.18 33.70 10.51
N LEU D 143 18.18 34.95 10.96
CA LEU D 143 19.41 35.65 11.24
C LEU D 143 20.06 35.09 12.51
N PRO D 144 21.39 35.04 12.55
CA PRO D 144 22.06 34.56 13.77
C PRO D 144 21.64 35.37 14.99
N GLU D 145 21.46 34.66 16.10
CA GLU D 145 21.03 35.31 17.33
C GLU D 145 22.12 36.17 17.96
N THR D 146 23.38 35.90 17.62
CA THR D 146 24.51 36.62 18.21
C THR D 146 25.54 36.95 17.14
N THR D 147 26.29 38.02 17.37
CA THR D 147 27.38 38.39 16.48
C THR D 147 28.55 37.43 16.65
N VAL D 148 29.51 37.52 15.73
CA VAL D 148 30.68 36.64 15.83
C VAL D 148 31.53 37.04 17.03
N VAL D 149 31.61 38.35 17.33
CA VAL D 149 32.37 38.80 18.48
C VAL D 149 31.78 38.23 19.77
N GLU D 150 30.45 38.24 19.86
CA GLU D 150 29.77 37.66 21.01
C GLU D 150 30.02 36.16 21.10
N ASN D 151 29.89 35.46 19.97
CA ASN D 151 30.16 34.02 19.95
C ASN D 151 31.56 33.71 20.45
N LEU D 152 32.55 34.47 19.96
CA LEU D 152 33.94 34.19 20.32
C LEU D 152 34.22 34.55 21.77
N TYR D 153 33.61 35.64 22.26
CA TYR D 153 33.80 36.04 23.65
C TYR D 153 33.41 34.93 24.64
N PHE D 154 32.37 34.18 24.33
CA PHE D 154 31.88 33.13 25.23
C PHE D 154 32.52 31.75 24.97
N GLN D 155 33.42 31.63 24.00
CA GLN D 155 34.16 30.39 23.83
C GLN D 155 35.02 30.11 25.07
N MET E 1 6.50 -7.01 -7.98
CA MET E 1 7.21 -6.31 -6.92
C MET E 1 7.07 -4.82 -7.09
N ASP E 2 7.45 -4.08 -6.04
CA ASP E 2 7.39 -2.62 -6.05
C ASP E 2 8.80 -2.15 -5.70
N ILE E 3 9.65 -2.02 -6.72
CA ILE E 3 11.04 -1.65 -6.53
C ILE E 3 11.19 -0.17 -6.85
N ASP E 4 11.75 0.58 -5.91
CA ASP E 4 12.13 1.96 -6.15
C ASP E 4 13.65 2.00 -6.27
N PRO E 5 14.21 2.37 -7.44
CA PRO E 5 15.67 2.25 -7.63
C PRO E 5 16.49 3.20 -6.78
N TYR E 6 15.85 4.21 -6.19
CA TYR E 6 16.55 5.16 -5.33
C TYR E 6 16.60 4.71 -3.88
N LYS E 7 15.78 3.73 -3.49
CA LYS E 7 15.56 3.45 -2.07
C LYS E 7 16.83 3.00 -1.38
N GLU E 8 17.64 2.14 -2.04
CA GLU E 8 18.90 1.75 -1.41
C GLU E 8 19.93 2.87 -1.36
N PHE E 9 19.67 4.00 -2.02
CA PHE E 9 20.57 5.15 -2.01
C PHE E 9 20.05 6.29 -1.16
N GLY E 10 19.06 6.02 -0.31
CA GLY E 10 18.55 7.04 0.58
C GLY E 10 17.63 8.05 -0.06
N ALA E 11 17.00 7.70 -1.18
CA ALA E 11 16.11 8.65 -1.87
C ALA E 11 14.90 7.88 -2.37
N THR E 12 14.03 8.55 -3.12
CA THR E 12 12.83 7.92 -3.64
C THR E 12 12.53 8.53 -4.99
N VAL E 13 11.70 7.82 -5.77
CA VAL E 13 11.17 8.38 -7.01
C VAL E 13 10.44 9.69 -6.72
N GLU E 14 9.65 9.74 -5.65
CA GLU E 14 8.90 10.97 -5.39
C GLU E 14 9.81 12.15 -5.08
N LEU E 15 10.92 11.90 -4.39
CA LEU E 15 11.87 12.98 -4.12
C LEU E 15 12.53 13.49 -5.39
N LEU E 16 12.99 12.59 -6.26
CA LEU E 16 13.54 13.06 -7.52
C LEU E 16 12.51 13.84 -8.33
N SER E 17 11.24 13.49 -8.24
N SER E 17 11.22 13.48 -8.19
CA SER E 17 10.28 14.23 -9.04
CA SER E 17 10.12 14.14 -8.88
C SER E 17 9.90 15.58 -8.43
C SER E 17 9.97 15.60 -8.46
N PHE E 18 10.53 15.97 -7.31
CA PHE E 18 10.42 17.34 -6.81
C PHE E 18 11.19 18.32 -7.69
N LEU E 19 12.18 17.83 -8.46
CA LEU E 19 12.83 18.70 -9.41
C LEU E 19 11.98 18.79 -10.68
N PRO E 20 11.84 19.97 -11.26
CA PRO E 20 11.06 20.08 -12.50
C PRO E 20 11.77 19.37 -13.64
N SER E 21 10.98 19.00 -14.65
CA SER E 21 11.53 18.27 -15.79
C SER E 21 12.66 19.03 -16.47
N ASP E 22 12.55 20.36 -16.58
CA ASP E 22 13.58 21.07 -17.33
C ASP E 22 14.81 21.37 -16.48
N PHE E 23 14.87 20.88 -15.24
CA PHE E 23 16.11 20.97 -14.48
C PHE E 23 17.17 20.04 -15.03
N PHE E 24 16.79 18.83 -15.48
CA PHE E 24 17.77 17.79 -15.74
C PHE E 24 18.47 18.00 -17.07
N PRO E 25 19.76 17.70 -17.15
CA PRO E 25 20.45 17.71 -18.45
C PRO E 25 19.82 16.69 -19.39
N SER E 26 20.11 16.83 -20.67
CA SER E 26 19.66 15.83 -21.63
C SER E 26 20.37 14.50 -21.39
N VAL E 27 19.78 13.41 -21.90
CA VAL E 27 20.41 12.11 -21.74
C VAL E 27 21.78 12.11 -22.43
N ARG E 28 21.86 12.69 -23.62
CA ARG E 28 23.15 12.76 -24.32
C ARG E 28 24.19 13.43 -23.44
N ASP E 29 23.81 14.55 -22.79
CA ASP E 29 24.79 15.26 -21.98
C ASP E 29 25.15 14.50 -20.71
N LEU E 30 24.18 13.78 -20.12
CA LEU E 30 24.49 12.92 -18.96
C LEU E 30 25.44 11.80 -19.34
N LEU E 31 25.19 11.15 -20.49
CA LEU E 31 26.08 10.09 -20.95
C LEU E 31 27.47 10.63 -21.30
N ASP E 32 27.55 11.83 -21.90
CA ASP E 32 28.85 12.46 -22.13
C ASP E 32 29.61 12.71 -20.83
N THR E 33 28.89 13.18 -19.80
CA THR E 33 29.54 13.48 -18.53
C THR E 33 29.96 12.21 -17.81
N ALA E 34 29.12 11.16 -17.85
CA ALA E 34 29.51 9.90 -17.22
C ALA E 34 30.80 9.38 -17.83
N ALA E 35 30.96 9.55 -19.13
CA ALA E 35 32.19 9.10 -19.78
C ALA E 35 33.37 10.00 -19.39
N ALA E 36 33.17 11.32 -19.43
CA ALA E 36 34.30 12.21 -19.17
C ALA E 36 34.83 12.03 -17.75
N LEU E 37 33.94 11.80 -16.79
CA LEU E 37 34.29 11.73 -15.39
C LEU E 37 34.60 10.32 -14.93
N TYR E 38 33.96 9.30 -15.51
CA TYR E 38 34.00 7.99 -14.88
C TYR E 38 34.20 6.81 -15.84
N ARG E 39 34.64 7.06 -17.08
N ARG E 39 34.61 7.04 -17.09
CA ARG E 39 34.68 5.98 -18.07
CA ARG E 39 34.64 5.93 -18.04
C ARG E 39 35.53 4.81 -17.59
C ARG E 39 35.52 4.78 -17.54
N ASP E 40 36.73 5.09 -17.08
CA ASP E 40 37.65 3.99 -16.71
C ASP E 40 37.06 3.14 -15.58
N ALA E 41 36.54 3.80 -14.53
CA ALA E 41 35.88 3.08 -13.45
C ALA E 41 34.68 2.28 -13.96
N LEU E 42 33.84 2.90 -14.82
CA LEU E 42 32.65 2.21 -15.30
C LEU E 42 33.00 0.98 -16.13
N GLU E 43 34.10 1.05 -16.87
CA GLU E 43 34.56 -0.04 -17.74
C GLU E 43 35.45 -1.05 -17.01
N SER E 44 35.78 -0.82 -15.75
CA SER E 44 36.75 -1.64 -15.04
C SER E 44 36.11 -2.93 -14.50
N PRO E 45 36.92 -3.97 -14.22
CA PRO E 45 36.36 -5.20 -13.67
C PRO E 45 36.11 -5.14 -12.17
N GLU E 46 36.06 -3.94 -11.59
CA GLU E 46 35.79 -3.78 -10.16
C GLU E 46 34.39 -3.19 -9.96
N HIS E 47 33.72 -3.59 -8.88
CA HIS E 47 32.43 -2.99 -8.54
C HIS E 47 32.55 -1.48 -8.38
N CYS E 48 33.62 -1.03 -7.70
CA CYS E 48 33.88 0.37 -7.37
C CYS E 48 32.93 0.85 -6.26
N SER E 49 31.63 0.89 -6.51
CA SER E 49 30.67 1.29 -5.49
C SER E 49 29.26 0.97 -5.98
N PRO E 50 28.27 0.95 -5.07
CA PRO E 50 26.89 0.75 -5.52
C PRO E 50 26.43 1.75 -6.56
N HIS E 51 26.88 3.02 -6.48
CA HIS E 51 26.52 3.99 -7.50
C HIS E 51 27.08 3.60 -8.86
N HIS E 52 28.30 3.07 -8.90
CA HIS E 52 28.87 2.63 -10.18
C HIS E 52 28.08 1.47 -10.75
N THR E 53 27.75 0.47 -9.92
CA THR E 53 26.94 -0.64 -10.40
C THR E 53 25.62 -0.15 -10.98
N ALA E 54 24.93 0.75 -10.26
CA ALA E 54 23.64 1.22 -10.75
C ALA E 54 23.80 2.01 -12.03
N LEU E 55 24.82 2.88 -12.06
CA LEU E 55 25.05 3.71 -13.24
C LEU E 55 25.36 2.85 -14.48
N ARG E 56 26.15 1.77 -14.32
CA ARG E 56 26.39 0.89 -15.45
C ARG E 56 25.08 0.35 -16.01
N GLN E 57 24.20 -0.15 -15.15
CA GLN E 57 22.96 -0.75 -15.67
C GLN E 57 22.09 0.30 -16.35
N ALA E 58 22.00 1.50 -15.76
CA ALA E 58 21.18 2.56 -16.35
C ALA E 58 21.67 2.92 -17.75
N ILE E 59 22.98 3.09 -17.91
CA ILE E 59 23.54 3.37 -19.24
C ILE E 59 23.19 2.26 -20.22
N LEU E 60 23.36 1.00 -19.82
CA LEU E 60 23.06 -0.10 -20.75
C LEU E 60 21.57 -0.19 -21.03
N CYS E 61 20.72 0.06 -20.03
N CYS E 61 20.73 0.05 -20.02
CA CYS E 61 19.28 0.03 -20.26
CA CYS E 61 19.28 0.06 -20.22
C CYS E 61 18.87 1.07 -21.30
C CYS E 61 18.87 1.06 -21.28
N TRP E 62 19.37 2.29 -21.17
CA TRP E 62 19.08 3.30 -22.18
C TRP E 62 19.52 2.84 -23.55
N GLY E 63 20.71 2.23 -23.62
CA GLY E 63 21.17 1.63 -24.86
C GLY E 63 20.19 0.62 -25.43
N ASP E 64 19.63 -0.26 -24.58
CA ASP E 64 18.64 -1.24 -25.02
C ASP E 64 17.41 -0.55 -25.60
N LEU E 65 16.88 0.45 -24.89
CA LEU E 65 15.73 1.20 -25.40
C LEU E 65 16.04 1.86 -26.75
N MET E 66 17.20 2.49 -26.87
CA MET E 66 17.54 3.15 -28.13
C MET E 66 17.80 2.15 -29.26
N THR E 67 18.42 1.01 -28.93
CA THR E 67 18.63 -0.02 -29.94
C THR E 67 17.30 -0.54 -30.49
N LEU E 68 16.34 -0.78 -29.60
CA LEU E 68 15.03 -1.23 -30.01
C LEU E 68 14.32 -0.16 -30.84
N ALA E 69 14.32 1.08 -30.36
CA ALA E 69 13.69 2.18 -31.09
C ALA E 69 14.27 2.31 -32.50
N THR E 70 15.61 2.24 -32.60
CA THR E 70 16.27 2.41 -33.89
C THR E 70 15.97 1.25 -34.83
N TRP E 71 16.13 0.01 -34.34
CA TRP E 71 15.86 -1.14 -35.19
C TRP E 71 14.45 -1.10 -35.76
N VAL E 72 13.49 -0.68 -34.95
CA VAL E 72 12.10 -0.55 -35.42
C VAL E 72 12.00 0.56 -36.45
N GLY E 73 12.63 1.71 -36.20
CA GLY E 73 12.58 2.80 -37.17
C GLY E 73 13.42 2.53 -38.40
N THR E 74 14.51 1.77 -38.25
CA THR E 74 15.42 1.51 -39.36
C THR E 74 14.89 0.41 -40.27
N ASN E 75 14.64 -0.77 -39.70
CA ASN E 75 14.30 -1.91 -40.54
C ASN E 75 12.92 -1.77 -41.15
N LEU E 76 12.01 -1.08 -40.46
CA LEU E 76 10.61 -1.09 -40.86
C LEU E 76 10.20 0.24 -41.48
N GLU E 77 10.09 1.28 -40.66
CA GLU E 77 9.50 2.58 -41.01
C GLU E 77 9.93 3.18 -42.35
N ASP E 78 9.07 4.04 -42.91
CA ASP E 78 9.43 4.94 -44.00
C ASP E 78 10.56 5.85 -43.55
N PRO E 79 11.29 6.48 -44.49
CA PRO E 79 12.30 7.46 -44.06
C PRO E 79 11.74 8.59 -43.21
N ALA E 80 10.46 8.93 -43.39
CA ALA E 80 9.87 10.06 -42.67
C ALA E 80 9.65 9.74 -41.20
N SER E 81 9.14 8.54 -40.91
CA SER E 81 8.92 8.09 -39.54
C SER E 81 10.08 7.26 -39.01
N ARG E 82 11.26 7.40 -39.63
CA ARG E 82 12.45 6.68 -39.19
C ARG E 82 12.78 6.97 -37.73
N ASP E 83 12.50 8.19 -37.28
CA ASP E 83 12.79 8.62 -35.91
C ASP E 83 11.54 8.70 -35.05
N LEU E 84 10.44 8.09 -35.49
CA LEU E 84 9.19 8.16 -34.73
C LEU E 84 9.34 7.48 -33.37
N VAL E 85 9.94 6.29 -33.36
CA VAL E 85 10.03 5.51 -32.13
C VAL E 85 11.06 6.13 -31.18
N VAL E 86 12.20 6.57 -31.72
CA VAL E 86 13.17 7.31 -30.92
C VAL E 86 12.52 8.53 -30.27
N SER E 87 11.53 9.13 -30.95
CA SER E 87 10.85 10.29 -30.40
C SER E 87 9.92 9.91 -29.25
N TYR E 88 9.28 8.74 -29.31
CA TYR E 88 8.42 8.33 -28.21
C TYR E 88 9.24 8.00 -26.97
N VAL E 89 10.36 7.28 -27.15
CA VAL E 89 11.20 6.87 -26.03
C VAL E 89 11.72 8.10 -25.28
N ASN E 90 12.20 9.10 -26.02
CA ASN E 90 12.68 10.31 -25.37
C ASN E 90 11.56 11.04 -24.65
N THR E 91 10.35 11.00 -25.19
CA THR E 91 9.23 11.72 -24.57
C THR E 91 8.81 11.05 -23.27
N ASN E 92 8.38 9.80 -23.34
CA ASN E 92 7.92 9.04 -22.18
C ASN E 92 9.05 8.76 -21.19
N VAL E 93 9.97 7.85 -21.56
CA VAL E 93 10.92 7.31 -20.60
C VAL E 93 12.20 8.14 -20.48
N GLY E 94 12.39 9.15 -21.32
CA GLY E 94 13.58 9.99 -21.21
C GLY E 94 13.71 10.67 -19.86
N LEU E 95 12.61 11.21 -19.33
CA LEU E 95 12.66 11.91 -18.06
C LEU E 95 13.09 10.96 -16.93
N LYS E 96 12.56 9.74 -16.93
CA LYS E 96 12.93 8.79 -15.88
C LYS E 96 14.43 8.53 -15.91
N PHE E 97 15.01 8.41 -17.10
CA PHE E 97 16.43 8.13 -17.18
C PHE E 97 17.29 9.37 -16.95
N ARG E 98 16.80 10.55 -17.31
CA ARG E 98 17.52 11.77 -16.94
C ARG E 98 17.61 11.91 -15.42
N GLN E 99 16.51 11.64 -14.71
CA GLN E 99 16.56 11.64 -13.26
C GLN E 99 17.59 10.65 -12.73
N LEU E 100 17.58 9.42 -13.26
CA LEU E 100 18.39 8.36 -12.70
C LEU E 100 19.87 8.57 -12.98
N LEU E 101 20.21 8.93 -14.21
CA LEU E 101 21.60 9.22 -14.55
C LEU E 101 22.12 10.45 -13.80
N TRP E 102 21.32 11.52 -13.73
CA TRP E 102 21.72 12.70 -12.97
C TRP E 102 22.00 12.35 -11.52
N PHE E 103 21.12 11.56 -10.90
CA PHE E 103 21.29 11.21 -9.49
C PHE E 103 22.63 10.51 -9.24
N HIS E 104 22.95 9.46 -10.01
CA HIS E 104 24.18 8.72 -9.75
C HIS E 104 25.42 9.49 -10.15
N ILE E 105 25.39 10.20 -11.27
CA ILE E 105 26.55 11.03 -11.63
C ILE E 105 26.79 12.10 -10.57
N SER E 106 25.73 12.78 -10.14
CA SER E 106 25.91 13.85 -9.15
C SER E 106 26.32 13.28 -7.80
N CYS E 107 25.73 12.15 -7.40
CA CYS E 107 26.15 11.53 -6.15
C CYS E 107 27.63 11.16 -6.18
N LEU E 108 28.10 10.57 -7.28
CA LEU E 108 29.52 10.23 -7.35
C LEU E 108 30.40 11.47 -7.29
N THR E 109 29.92 12.60 -7.81
CA THR E 109 30.74 13.80 -7.99
C THR E 109 30.70 14.69 -6.77
N PHE E 110 29.55 14.76 -6.07
CA PHE E 110 29.36 15.70 -4.97
C PHE E 110 29.00 15.06 -3.64
N GLY E 111 28.60 13.79 -3.63
CA GLY E 111 28.17 13.08 -2.43
C GLY E 111 26.67 13.15 -2.21
N ARG E 112 26.14 12.08 -1.60
CA ARG E 112 24.69 11.89 -1.50
C ARG E 112 24.02 13.01 -0.71
N GLU E 113 24.55 13.35 0.47
CA GLU E 113 23.88 14.34 1.30
C GLU E 113 23.89 15.72 0.65
N THR E 114 25.01 16.12 0.04
CA THR E 114 25.05 17.37 -0.71
C THR E 114 24.02 17.38 -1.82
N VAL E 115 23.88 16.26 -2.54
CA VAL E 115 22.94 16.17 -3.65
C VAL E 115 21.51 16.31 -3.15
N LEU E 116 21.16 15.62 -2.07
CA LEU E 116 19.79 15.62 -1.60
C LEU E 116 19.41 16.98 -1.00
N GLU E 117 20.33 17.61 -0.29
CA GLU E 117 20.05 18.96 0.20
C GLU E 117 19.90 19.94 -0.94
N TYR E 118 20.75 19.81 -1.98
CA TYR E 118 20.65 20.70 -3.12
C TYR E 118 19.34 20.48 -3.85
N LEU E 119 18.94 19.22 -4.01
CA LEU E 119 17.68 18.90 -4.66
C LEU E 119 16.52 19.64 -4.01
N VAL E 120 16.43 19.59 -2.67
CA VAL E 120 15.32 20.25 -2.01
C VAL E 120 15.45 21.76 -2.11
N SER E 121 16.69 22.27 -1.98
CA SER E 121 16.91 23.71 -2.12
C SER E 121 16.45 24.20 -3.48
N PHE E 122 16.86 23.51 -4.55
CA PHE E 122 16.44 23.92 -5.88
C PHE E 122 14.93 23.82 -6.06
N GLY E 123 14.31 22.72 -5.61
CA GLY E 123 12.88 22.58 -5.78
C GLY E 123 12.08 23.68 -5.12
N VAL E 124 12.55 24.16 -3.96
CA VAL E 124 11.89 25.29 -3.29
C VAL E 124 12.14 26.59 -4.03
N TRP E 125 13.39 26.83 -4.43
CA TRP E 125 13.72 28.05 -5.16
C TRP E 125 12.88 28.19 -6.43
N ILE E 126 12.80 27.12 -7.22
CA ILE E 126 12.11 27.22 -8.51
C ILE E 126 10.60 27.35 -8.37
N ARG E 127 10.01 26.92 -7.25
CA ARG E 127 8.60 27.11 -6.97
C ARG E 127 8.31 28.48 -6.38
N THR E 128 9.35 29.21 -5.99
CA THR E 128 9.15 30.58 -5.53
C THR E 128 8.90 31.47 -6.74
N PRO E 129 7.79 32.20 -6.79
CA PRO E 129 7.53 33.03 -7.96
C PRO E 129 8.68 34.00 -8.18
N PRO E 130 8.92 34.39 -9.43
CA PRO E 130 10.08 35.27 -9.70
C PRO E 130 9.97 36.64 -9.01
N ALA E 131 8.77 37.09 -8.67
CA ALA E 131 8.66 38.30 -7.85
C ALA E 131 9.54 38.22 -6.60
N ALA E 132 9.58 37.05 -5.95
CA ALA E 132 10.22 36.91 -4.66
C ALA E 132 11.53 36.14 -4.68
N ARG E 133 11.86 35.56 -5.77
CA ARG E 133 12.95 34.63 -5.91
C ARG E 133 14.26 35.37 -6.14
N PRO E 134 15.28 35.13 -5.31
CA PRO E 134 16.58 35.72 -5.59
C PRO E 134 17.10 35.27 -6.94
N PRO E 135 17.89 36.11 -7.62
CA PRO E 135 18.22 35.83 -9.02
C PRO E 135 19.16 34.64 -9.21
N ASN E 136 19.96 34.30 -8.22
CA ASN E 136 20.90 33.18 -8.33
C ASN E 136 20.35 31.93 -7.65
N ALA E 137 20.31 30.85 -8.41
CA ALA E 137 19.89 29.55 -7.91
C ALA E 137 20.85 29.06 -6.83
N PRO E 138 20.41 28.12 -6.00
CA PRO E 138 21.34 27.50 -5.06
C PRO E 138 22.46 26.78 -5.82
N ILE E 139 23.59 26.58 -5.13
CA ILE E 139 24.79 26.04 -5.75
C ILE E 139 24.98 24.60 -5.31
N LEU E 140 25.32 23.74 -6.28
CA LEU E 140 25.65 22.34 -6.04
C LEU E 140 27.17 22.26 -5.97
N SER E 141 27.70 22.14 -4.76
CA SER E 141 29.14 22.11 -4.59
C SER E 141 29.50 21.30 -3.35
N THR E 142 30.71 20.78 -3.35
CA THR E 142 31.25 20.03 -2.24
C THR E 142 32.64 20.57 -1.91
N LEU E 143 32.97 20.56 -0.63
CA LEU E 143 34.25 21.11 -0.15
C LEU E 143 35.46 20.49 -0.86
N VAL E 149 47.77 20.84 8.27
CA VAL E 149 49.07 21.27 8.77
C VAL E 149 49.08 21.29 10.30
N GLU E 150 50.07 20.61 10.88
CA GLU E 150 50.25 20.51 12.32
C GLU E 150 50.93 21.76 12.88
N ASN E 151 50.65 22.09 14.15
CA ASN E 151 51.25 23.29 14.76
C ASN E 151 52.76 23.24 14.70
N LEU E 152 53.34 22.05 14.90
CA LEU E 152 54.79 21.90 14.90
C LEU E 152 55.43 22.46 13.64
N TYR E 153 54.73 22.38 12.50
CA TYR E 153 55.26 22.89 11.24
C TYR E 153 55.73 24.33 11.37
N PHE E 154 55.08 25.14 12.21
CA PHE E 154 55.37 26.56 12.30
C PHE E 154 56.24 26.93 13.48
N GLN E 155 56.64 25.99 14.30
CA GLN E 155 57.38 26.30 15.53
C GLN E 155 58.88 26.36 15.28
N MET F 1 31.29 4.62 -24.69
CA MET F 1 31.75 3.69 -23.67
C MET F 1 31.38 2.27 -24.04
N ASP F 2 32.20 1.33 -23.58
CA ASP F 2 32.02 -0.10 -23.82
C ASP F 2 31.89 -0.77 -22.45
N ILE F 3 30.66 -0.89 -21.95
CA ILE F 3 30.43 -1.49 -20.64
C ILE F 3 29.88 -2.89 -20.84
N ASP F 4 30.53 -3.86 -20.21
CA ASP F 4 30.03 -5.24 -20.17
C ASP F 4 29.39 -5.44 -18.80
N PRO F 5 28.07 -5.68 -18.73
CA PRO F 5 27.41 -5.73 -17.41
C PRO F 5 27.89 -6.86 -16.52
N TYR F 6 28.57 -7.87 -17.09
CA TYR F 6 29.09 -8.99 -16.33
C TYR F 6 30.50 -8.76 -15.81
N LYS F 7 31.20 -7.74 -16.30
CA LYS F 7 32.63 -7.63 -16.03
C LYS F 7 32.92 -7.43 -14.55
N GLU F 8 32.15 -6.57 -13.86
CA GLU F 8 32.37 -6.40 -12.43
C GLU F 8 31.97 -7.64 -11.64
N PHE F 9 31.29 -8.61 -12.26
CA PHE F 9 30.89 -9.84 -11.60
C PHE F 9 31.75 -11.03 -12.02
N GLY F 10 32.88 -10.78 -12.65
CA GLY F 10 33.77 -11.87 -13.01
C GLY F 10 33.34 -12.69 -14.20
N ALA F 11 32.52 -12.14 -15.10
CA ALA F 11 32.13 -12.87 -16.30
C ALA F 11 32.11 -11.89 -17.47
N THR F 12 31.59 -12.36 -18.60
CA THR F 12 31.50 -11.53 -19.80
C THR F 12 30.26 -11.97 -20.56
N VAL F 13 29.82 -11.08 -21.45
CA VAL F 13 28.75 -11.41 -22.37
C VAL F 13 29.09 -12.66 -23.17
N GLU F 14 30.33 -12.76 -23.63
CA GLU F 14 30.70 -13.93 -24.42
C GLU F 14 30.60 -15.23 -23.61
N LEU F 15 30.94 -15.18 -22.33
CA LEU F 15 30.82 -16.37 -21.50
C LEU F 15 29.38 -16.78 -21.32
N LEU F 16 28.47 -15.82 -21.02
CA LEU F 16 27.06 -16.18 -20.90
C LEU F 16 26.53 -16.76 -22.20
N SER F 17 27.05 -16.32 -23.34
N SER F 17 27.08 -16.31 -23.34
CA SER F 17 26.58 -16.82 -24.63
CA SER F 17 26.66 -16.80 -24.65
C SER F 17 27.13 -18.21 -24.94
C SER F 17 27.05 -18.25 -24.87
N PHE F 18 27.97 -18.77 -24.07
CA PHE F 18 28.37 -20.17 -24.20
C PHE F 18 27.21 -21.09 -23.87
N LEU F 19 26.22 -20.62 -23.09
CA LEU F 19 25.02 -21.42 -22.83
C LEU F 19 24.04 -21.29 -24.00
N PRO F 20 23.39 -22.38 -24.41
CA PRO F 20 22.43 -22.28 -25.50
C PRO F 20 21.22 -21.48 -25.07
N SER F 21 20.55 -20.84 -26.05
CA SER F 21 19.41 -20.00 -25.73
C SER F 21 18.32 -20.76 -24.97
N ASP F 22 18.14 -22.04 -25.25
CA ASP F 22 17.05 -22.76 -24.58
C ASP F 22 17.44 -23.30 -23.20
N PHE F 23 18.67 -23.01 -22.75
CA PHE F 23 19.03 -23.27 -21.36
C PHE F 23 18.28 -22.35 -20.41
N PHE F 24 18.09 -21.08 -20.80
CA PHE F 24 17.64 -20.10 -19.80
C PHE F 24 16.14 -20.22 -19.53
N PRO F 25 15.72 -20.06 -18.28
CA PRO F 25 14.29 -19.95 -17.99
C PRO F 25 13.66 -18.77 -18.74
N SER F 26 12.34 -18.79 -18.82
CA SER F 26 11.63 -17.64 -19.38
C SER F 26 11.76 -16.42 -18.47
N VAL F 27 11.56 -15.24 -19.05
CA VAL F 27 11.59 -14.02 -18.24
C VAL F 27 10.52 -14.08 -17.14
N ARG F 28 9.33 -14.56 -17.49
CA ARG F 28 8.26 -14.70 -16.49
C ARG F 28 8.72 -15.54 -15.31
N ASP F 29 9.33 -16.69 -15.60
CA ASP F 29 9.77 -17.58 -14.53
C ASP F 29 10.94 -16.97 -13.73
N LEU F 30 11.81 -16.22 -14.39
CA LEU F 30 12.89 -15.54 -13.67
C LEU F 30 12.33 -14.46 -12.74
N LEU F 31 11.35 -13.69 -13.23
CA LEU F 31 10.78 -12.65 -12.39
C LEU F 31 10.02 -13.25 -11.22
N ASP F 32 9.34 -14.39 -11.42
CA ASP F 32 8.62 -15.00 -10.31
C ASP F 32 9.60 -15.56 -9.27
N THR F 33 10.75 -16.07 -9.72
CA THR F 33 11.74 -16.59 -8.78
C THR F 33 12.41 -15.45 -8.00
N ALA F 34 12.75 -14.35 -8.68
CA ALA F 34 13.30 -13.21 -7.95
C ALA F 34 12.34 -12.74 -6.86
N ALA F 35 11.05 -12.68 -7.19
CA ALA F 35 10.05 -12.28 -6.19
C ALA F 35 9.91 -13.32 -5.08
N ALA F 36 9.83 -14.60 -5.43
CA ALA F 36 9.58 -15.62 -4.40
C ALA F 36 10.75 -15.68 -3.42
N LEU F 37 11.98 -15.54 -3.92
CA LEU F 37 13.18 -15.72 -3.09
C LEU F 37 13.75 -14.42 -2.52
N TYR F 38 13.57 -13.28 -3.20
CA TYR F 38 14.31 -12.06 -2.85
C TYR F 38 13.46 -10.80 -2.78
N ARG F 39 12.14 -10.93 -2.78
CA ARG F 39 11.29 -9.72 -2.89
C ARG F 39 11.60 -8.73 -1.78
N ASP F 40 11.69 -9.21 -0.54
CA ASP F 40 11.90 -8.31 0.60
C ASP F 40 13.22 -7.58 0.49
N ALA F 41 14.30 -8.31 0.17
CA ALA F 41 15.61 -7.69 0.03
C ALA F 41 15.64 -6.72 -1.14
N LEU F 42 15.04 -7.10 -2.27
CA LEU F 42 15.05 -6.22 -3.44
C LEU F 42 14.30 -4.92 -3.16
N GLU F 43 13.25 -4.99 -2.35
CA GLU F 43 12.43 -3.83 -2.01
C GLU F 43 12.95 -3.07 -0.79
N SER F 44 14.05 -3.52 -0.18
CA SER F 44 14.46 -2.90 1.07
C SER F 44 15.35 -1.69 0.84
N PRO F 45 15.51 -0.83 1.84
CA PRO F 45 16.45 0.28 1.73
C PRO F 45 17.90 -0.11 1.91
N GLU F 46 18.21 -1.41 1.97
CA GLU F 46 19.59 -1.89 2.09
C GLU F 46 20.13 -2.31 0.73
N HIS F 47 21.41 -2.00 0.50
N HIS F 47 21.39 -1.96 0.46
CA HIS F 47 22.09 -2.35 -0.75
CA HIS F 47 22.03 -2.41 -0.78
C HIS F 47 22.15 -3.87 -0.94
C HIS F 47 21.96 -3.92 -0.90
N CYS F 48 22.43 -4.62 0.14
CA CYS F 48 22.48 -6.07 0.22
C CYS F 48 23.68 -6.62 -0.53
N SER F 49 23.77 -6.39 -1.85
CA SER F 49 24.91 -6.86 -2.62
C SER F 49 24.92 -6.20 -3.99
N PRO F 50 26.03 -6.28 -4.72
CA PRO F 50 26.02 -5.77 -6.10
C PRO F 50 25.03 -6.48 -6.99
N HIS F 51 24.76 -7.78 -6.72
CA HIS F 51 23.75 -8.50 -7.47
C HIS F 51 22.37 -7.91 -7.26
N HIS F 52 22.06 -7.50 -6.03
CA HIS F 52 20.77 -6.87 -5.75
C HIS F 52 20.63 -5.56 -6.51
N THR F 53 21.68 -4.73 -6.51
CA THR F 53 21.62 -3.48 -7.25
C THR F 53 21.39 -3.74 -8.73
N ALA F 54 22.13 -4.70 -9.32
CA ALA F 54 21.95 -5.01 -10.73
C ALA F 54 20.55 -5.55 -11.00
N LEU F 55 20.06 -6.46 -10.13
CA LEU F 55 18.73 -7.04 -10.31
C LEU F 55 17.64 -6.00 -10.25
N ARG F 56 17.72 -5.09 -9.27
CA ARG F 56 16.74 -4.01 -9.18
C ARG F 56 16.65 -3.28 -10.51
N GLN F 57 17.81 -2.89 -11.08
CA GLN F 57 17.79 -2.12 -12.31
C GLN F 57 17.28 -2.97 -13.47
N ALA F 58 17.74 -4.23 -13.55
CA ALA F 58 17.34 -5.08 -14.67
C ALA F 58 15.83 -5.33 -14.65
N ILE F 59 15.27 -5.60 -13.47
CA ILE F 59 13.82 -5.77 -13.35
C ILE F 59 13.09 -4.53 -13.82
N LEU F 60 13.52 -3.34 -13.37
CA LEU F 60 12.83 -2.13 -13.79
C LEU F 60 13.01 -1.89 -15.29
N CYS F 61 14.19 -2.19 -15.82
N CYS F 61 14.18 -2.20 -15.83
CA CYS F 61 14.46 -1.97 -17.25
CA CYS F 61 14.43 -1.94 -17.25
C CYS F 61 13.57 -2.85 -18.11
C CYS F 61 13.59 -2.85 -18.13
N TRP F 62 13.42 -4.12 -17.74
CA TRP F 62 12.52 -4.99 -18.47
C TRP F 62 11.11 -4.40 -18.53
N GLY F 63 10.62 -3.86 -17.42
CA GLY F 63 9.33 -3.18 -17.44
C GLY F 63 9.27 -2.06 -18.47
N ASP F 64 10.33 -1.24 -18.55
CA ASP F 64 10.38 -0.16 -19.54
C ASP F 64 10.38 -0.73 -20.96
N LEU F 65 11.19 -1.76 -21.21
CA LEU F 65 11.24 -2.34 -22.55
C LEU F 65 9.89 -2.89 -22.95
N MET F 66 9.12 -3.43 -21.99
CA MET F 66 7.81 -3.96 -22.30
C MET F 66 6.83 -2.85 -22.67
N THR F 67 6.86 -1.73 -21.93
CA THR F 67 5.99 -0.61 -22.28
C THR F 67 6.34 -0.07 -23.66
N LEU F 68 7.64 0.01 -23.97
CA LEU F 68 8.08 0.47 -25.28
C LEU F 68 7.62 -0.47 -26.40
N ALA F 69 7.87 -1.78 -26.24
CA ALA F 69 7.47 -2.73 -27.28
C ALA F 69 5.95 -2.75 -27.47
N THR F 70 5.20 -2.54 -26.39
CA THR F 70 3.74 -2.48 -26.46
C THR F 70 3.28 -1.26 -27.24
N TRP F 71 3.85 -0.09 -26.92
CA TRP F 71 3.54 1.12 -27.68
C TRP F 71 3.86 0.93 -29.16
N VAL F 72 4.98 0.25 -29.44
CA VAL F 72 5.35 -0.04 -30.83
C VAL F 72 4.30 -0.94 -31.48
N GLY F 73 3.91 -2.01 -30.80
CA GLY F 73 2.92 -2.91 -31.37
C GLY F 73 1.57 -2.23 -31.60
N THR F 74 1.16 -1.36 -30.67
CA THR F 74 -0.14 -0.71 -30.80
C THR F 74 -0.14 0.35 -31.90
N ASN F 75 0.96 1.11 -32.02
CA ASN F 75 1.06 2.18 -33.00
C ASN F 75 1.68 1.76 -34.33
N LEU F 76 2.05 0.50 -34.51
CA LEU F 76 2.39 -0.01 -35.84
C LEU F 76 1.09 -0.52 -36.45
N GLU F 77 0.52 0.26 -37.38
CA GLU F 77 -0.80 -0.05 -37.93
C GLU F 77 -0.80 -1.28 -38.84
N ASP F 78 0.35 -1.91 -39.09
CA ASP F 78 0.39 -3.14 -39.87
C ASP F 78 0.50 -4.32 -38.94
N PRO F 79 -0.46 -5.25 -38.94
CA PRO F 79 -0.38 -6.39 -38.02
C PRO F 79 0.80 -7.31 -38.26
N ALA F 80 1.40 -7.28 -39.46
CA ALA F 80 2.57 -8.11 -39.71
C ALA F 80 3.84 -7.51 -39.12
N SER F 81 3.93 -6.18 -39.06
CA SER F 81 5.09 -5.51 -38.48
C SER F 81 5.10 -5.53 -36.96
N ARG F 82 3.94 -5.70 -36.32
CA ARG F 82 3.93 -5.99 -34.89
C ARG F 82 4.54 -7.36 -34.61
N ASP F 83 4.43 -8.29 -35.56
CA ASP F 83 4.96 -9.63 -35.39
C ASP F 83 6.48 -9.67 -35.50
N LEU F 84 7.08 -8.77 -36.29
CA LEU F 84 8.53 -8.69 -36.35
C LEU F 84 9.11 -8.10 -35.07
N VAL F 85 8.43 -7.09 -34.51
CA VAL F 85 8.88 -6.48 -33.27
C VAL F 85 8.90 -7.50 -32.13
N VAL F 86 7.85 -8.32 -32.04
CA VAL F 86 7.79 -9.37 -31.03
C VAL F 86 8.94 -10.37 -31.22
N SER F 87 9.08 -10.89 -32.45
CA SER F 87 10.11 -11.90 -32.70
C SER F 87 11.51 -11.32 -32.53
N TYR F 88 11.72 -10.06 -32.93
CA TYR F 88 12.99 -9.41 -32.68
C TYR F 88 13.28 -9.32 -31.19
N VAL F 89 12.27 -8.94 -30.40
CA VAL F 89 12.45 -8.86 -28.94
C VAL F 89 12.83 -10.23 -28.39
N ASN F 90 12.08 -11.27 -28.78
CA ASN F 90 12.38 -12.60 -28.27
C ASN F 90 13.78 -13.05 -28.66
N THR F 91 14.19 -12.73 -29.90
CA THR F 91 15.48 -13.21 -30.39
C THR F 91 16.64 -12.44 -29.79
N ASN F 92 16.48 -11.14 -29.55
CA ASN F 92 17.59 -10.28 -29.14
C ASN F 92 17.49 -9.83 -27.69
N VAL F 93 16.59 -8.89 -27.37
CA VAL F 93 16.72 -8.33 -26.01
C VAL F 93 16.05 -9.22 -24.97
N GLY F 94 15.08 -10.04 -25.37
CA GLY F 94 14.53 -11.03 -24.46
C GLY F 94 15.58 -12.01 -24.00
N LEU F 95 16.42 -12.49 -24.94
CA LEU F 95 17.50 -13.40 -24.56
C LEU F 95 18.51 -12.69 -23.66
N LYS F 96 18.88 -11.44 -23.99
CA LYS F 96 19.79 -10.70 -23.12
C LYS F 96 19.31 -10.64 -21.68
N PHE F 97 18.02 -10.38 -21.48
CA PHE F 97 17.52 -10.23 -20.10
C PHE F 97 17.33 -11.57 -19.40
N ARG F 98 17.02 -12.63 -20.16
CA ARG F 98 16.99 -13.96 -19.54
C ARG F 98 18.38 -14.33 -19.04
N GLN F 99 19.42 -14.04 -19.84
CA GLN F 99 20.78 -14.29 -19.40
C GLN F 99 21.09 -13.51 -18.13
N LEU F 100 20.74 -12.22 -18.14
CA LEU F 100 21.15 -11.34 -17.06
C LEU F 100 20.40 -11.67 -15.77
N LEU F 101 19.10 -11.85 -15.89
CA LEU F 101 18.30 -12.21 -14.70
C LEU F 101 18.71 -13.58 -14.17
N TRP F 102 18.95 -14.53 -15.07
CA TRP F 102 19.41 -15.85 -14.62
C TRP F 102 20.74 -15.73 -13.89
N PHE F 103 21.69 -14.97 -14.46
CA PHE F 103 23.00 -14.85 -13.83
C PHE F 103 22.89 -14.34 -12.39
N HIS F 104 22.21 -13.22 -12.17
CA HIS F 104 22.19 -12.64 -10.83
C HIS F 104 21.37 -13.48 -9.87
N ILE F 105 20.21 -13.97 -10.30
CA ILE F 105 19.41 -14.83 -9.43
C ILE F 105 20.18 -16.09 -9.04
N SER F 106 20.91 -16.67 -10.01
CA SER F 106 21.64 -17.91 -9.70
C SER F 106 22.84 -17.64 -8.81
N CYS F 107 23.55 -16.54 -9.04
CA CYS F 107 24.67 -16.21 -8.16
C CYS F 107 24.21 -16.04 -6.71
N LEU F 108 23.09 -15.33 -6.50
CA LEU F 108 22.57 -15.17 -5.16
C LEU F 108 22.09 -16.49 -4.56
N THR F 109 21.58 -17.39 -5.40
CA THR F 109 20.95 -18.59 -4.90
C THR F 109 21.95 -19.73 -4.72
N PHE F 110 22.89 -19.88 -5.66
CA PHE F 110 23.80 -21.02 -5.64
C PHE F 110 25.24 -20.63 -5.38
N GLY F 111 25.56 -19.32 -5.43
CA GLY F 111 26.93 -18.88 -5.29
C GLY F 111 27.65 -18.64 -6.60
N ARG F 112 28.48 -17.59 -6.64
CA ARG F 112 29.03 -17.12 -7.91
C ARG F 112 29.97 -18.15 -8.55
N GLU F 113 30.96 -18.66 -7.80
CA GLU F 113 31.88 -19.62 -8.39
C GLU F 113 31.15 -20.86 -8.85
N THR F 114 30.18 -21.32 -8.06
CA THR F 114 29.41 -22.50 -8.45
C THR F 114 28.69 -22.28 -9.77
N VAL F 115 28.10 -21.10 -9.95
CA VAL F 115 27.39 -20.78 -11.19
C VAL F 115 28.35 -20.78 -12.37
N LEU F 116 29.51 -20.18 -12.20
CA LEU F 116 30.45 -20.03 -13.31
C LEU F 116 31.08 -21.36 -13.68
N GLU F 117 31.40 -22.20 -12.69
CA GLU F 117 31.90 -23.53 -13.01
C GLU F 117 30.82 -24.37 -13.70
N TYR F 118 29.57 -24.27 -13.22
CA TYR F 118 28.48 -25.01 -13.83
C TYR F 118 28.22 -24.54 -15.25
N LEU F 119 28.31 -23.24 -15.48
CA LEU F 119 28.10 -22.70 -16.82
C LEU F 119 29.03 -23.38 -17.83
N VAL F 120 30.31 -23.45 -17.49
CA VAL F 120 31.26 -24.05 -18.44
C VAL F 120 31.00 -25.53 -18.56
N SER F 121 30.72 -26.22 -17.44
CA SER F 121 30.39 -27.64 -17.48
C SER F 121 29.19 -27.92 -18.37
N PHE F 122 28.11 -27.15 -18.19
CA PHE F 122 26.92 -27.37 -19.01
C PHE F 122 27.21 -27.11 -20.48
N GLY F 123 27.93 -26.03 -20.79
CA GLY F 123 28.22 -25.70 -22.18
C GLY F 123 29.03 -26.79 -22.89
N VAL F 124 29.94 -27.43 -22.17
CA VAL F 124 30.71 -28.54 -22.75
C VAL F 124 29.82 -29.77 -22.91
N TRP F 125 29.02 -30.07 -21.89
CA TRP F 125 28.15 -31.25 -21.95
C TRP F 125 27.17 -31.18 -23.12
N ILE F 126 26.54 -30.01 -23.31
CA ILE F 126 25.53 -29.90 -24.36
C ILE F 126 26.15 -29.91 -25.74
N ARG F 127 27.41 -29.54 -25.87
CA ARG F 127 28.10 -29.65 -27.14
C ARG F 127 28.65 -31.05 -27.38
N THR F 128 28.61 -31.91 -26.39
CA THR F 128 29.02 -33.29 -26.59
C THR F 128 27.92 -34.05 -27.33
N PRO F 129 28.22 -34.68 -28.46
CA PRO F 129 27.17 -35.33 -29.22
C PRO F 129 26.51 -36.42 -28.40
N PRO F 130 25.24 -36.71 -28.67
CA PRO F 130 24.54 -37.68 -27.83
C PRO F 130 25.16 -39.08 -27.89
N ALA F 131 25.89 -39.43 -28.95
CA ALA F 131 26.61 -40.70 -28.93
C ALA F 131 27.48 -40.83 -27.68
N ALA F 132 28.04 -39.72 -27.18
CA ALA F 132 28.99 -39.72 -26.07
C ALA F 132 28.50 -39.05 -24.79
N ARG F 133 27.40 -38.33 -24.86
CA ARG F 133 26.97 -37.48 -23.75
C ARG F 133 26.31 -38.30 -22.65
N PRO F 134 26.78 -38.20 -21.40
CA PRO F 134 26.09 -38.87 -20.30
C PRO F 134 24.67 -38.36 -20.18
N PRO F 135 23.74 -39.21 -19.72
CA PRO F 135 22.33 -38.85 -19.82
C PRO F 135 21.95 -37.68 -18.94
N ASN F 136 22.60 -37.50 -17.79
CA ASN F 136 22.26 -36.42 -16.88
C ASN F 136 23.26 -35.27 -16.98
N ALA F 137 22.72 -34.06 -16.98
CA ALA F 137 23.53 -32.86 -17.06
C ALA F 137 24.43 -32.73 -15.82
N PRO F 138 25.46 -31.90 -15.89
CA PRO F 138 26.31 -31.68 -14.72
C PRO F 138 25.52 -31.15 -13.54
N ILE F 139 26.04 -31.41 -12.34
CA ILE F 139 25.36 -31.07 -11.11
C ILE F 139 25.71 -29.64 -10.72
N LEU F 140 24.67 -28.87 -10.42
CA LEU F 140 24.74 -27.54 -9.83
C LEU F 140 24.37 -27.65 -8.36
N SER F 141 25.29 -27.34 -7.46
CA SER F 141 24.96 -27.48 -6.05
C SER F 141 25.73 -26.47 -5.20
N THR F 142 25.04 -25.93 -4.21
CA THR F 142 25.54 -24.94 -3.25
C THR F 142 27.01 -25.10 -2.88
N GLU F 150 26.34 -11.15 6.51
CA GLU F 150 26.77 -12.36 5.82
C GLU F 150 27.72 -12.06 4.67
N ASN F 151 27.18 -12.03 3.45
CA ASN F 151 28.02 -11.99 2.25
C ASN F 151 28.80 -10.69 2.16
N LEU F 152 30.10 -10.82 1.88
CA LEU F 152 31.01 -9.69 1.72
C LEU F 152 31.41 -9.57 0.27
N TYR F 153 31.54 -8.33 -0.20
CA TYR F 153 31.90 -8.06 -1.58
C TYR F 153 33.04 -7.05 -1.56
N PHE F 154 34.20 -7.49 -2.03
CA PHE F 154 35.31 -6.61 -2.31
C PHE F 154 35.06 -5.93 -3.65
N GLN F 155 36.02 -5.09 -4.06
CA GLN F 155 36.00 -4.54 -5.40
C GLN F 155 36.01 -5.65 -6.46
#